data_8BGG
#
_entry.id   8BGG
#
_cell.length_a   1.00
_cell.length_b   1.00
_cell.length_c   1.00
_cell.angle_alpha   90.00
_cell.angle_beta   90.00
_cell.angle_gamma   90.00
#
_symmetry.space_group_name_H-M   'P 1'
#
loop_
_entity.id
_entity.type
_entity.pdbx_description
1 polymer 'Spike glycoprotein'
2 polymer 'Nanobody W25'
3 branched alpha-D-mannopyranose-(1-3)-[alpha-D-mannopyranose-(1-6)]beta-D-mannopyranose-(1-4)-2-acetamido-2-deoxy-beta-D-glucopyranose-(1-4)-2-acetamido-2-deoxy-beta-D-glucopyranose
4 branched beta-D-mannopyranose-(1-4)-2-acetamido-2-deoxy-beta-D-glucopyranose-(1-4)-2-acetamido-2-deoxy-beta-D-glucopyranose
5 non-polymer 2-acetamido-2-deoxy-beta-D-glucopyranose
#
loop_
_entity_poly.entity_id
_entity_poly.type
_entity_poly.pdbx_seq_one_letter_code
_entity_poly.pdbx_strand_id
1 'polypeptide(L)'
;MFVFLVLLPLVSSQCVNLTTRTQLPPAYTNSFTRGVYYPDKVFRSSVLHSTQDLFLPFFSNVTWFHVISGTNGTKRFDNP
VLPFNDGVYFASIEKSNIIRGWIFGTTLDSKTQSLLIVNNATNVVIKVCEFQFCNDPFLDHKNNKSWMESEFRVYSSANN
CTFEYVSQPFLMDLEGKQGNFKNLREFVFKNIDGYFKIYSKHTPIIVREPEDLPQGFSALEPLVDLPIGINITRFQTLLA
LHRSYLTPGDSSSGWTAGAAAYYVGYLQPRTFLLKYNENGTITDAVDCALDPLSETKCTLKSFTVEKGIYQTSNFRVQPT
ESIVRFPNITNLCPFDEVFNATRFASVYAWNRKRISNCVADYSVLYNLAPFFTFKCYGVSPTKLNDLCFTNVYADSFVIR
GDEVRQIAPGQTGNIADYNYKLPDDFTGCVIAWNSNKLDSKVSGNYNYLYRLFRKSNLKPFERDISTEIYQAGNKPCNGV
AGFNCYFPLKSYSFRPTYGVGHQPYRVVVLSFELLHAPATVCGPKKSTNLVKNKCVNFNFNGLKGTGVLTESNKKFLPFQ
QFGRDIADTTDAVRDPQTLEILDITPCSFGGVSVITPGTNTSNQVAVLYQGVNCTEVPVAIHADQLTPTWRVYSTGSNVF
QTRAGCLIGAEYVNNSYECDIPIGAGICASYQTQTKSHGSASSVASQSIIAYTMSLGAENSVAYSNNSIAIPTNFTISVT
TEILPVSMTKTSVDCTMYICGDSTECSNLLLQYGSFCTQLKRALTGIAVEQDKNTQEVFAQVKQIYKTPPIKYFGGFNFS
QILPDPSKPSKRSPIEDLLFNKVTLADAGFIKQYGDCLGDIAARDLICAQKFKGLTVLPPLLTDEMIAQYTSALLAGTIT
SGWTFGAGPALQIPFPMQMAYRFNGIGVTQNVLYENQKLIANQFNSAIGKIQDSLSSTPSALGKLQDVVNHNAQALNTLV
KQLSSKFGAISSVLNDIFSRLDPPEAEVQIDRLITGRLQSLQTYVTQQLIRAAEIRASANLAATKMSECVLGQSKRVDFC
GKGYHLMSFPQSAPHGVVFLHVTYVPAQEKNFTTAPAICHDGKAHFPREGVFVSNGTHWFVTQRNFYEPQIITTDNTFVS
GNCDVVIGIVNNTVYDPLQPELDSFKEELDKYFKNHTSPDVDLGDISGINASVVNIQKEIDRLNEVAKNLNESLIDLQEL
GKYEQ
;
B,C
2 'polypeptide(L)'
;MKYLLPTAAAGLLLLAAQPAMAQVQLVESGGGLVQPGESLRLSCAASGSIFGIYAVHWFRMAPGKEREFTAGFGSHGSTN
YAASVKGRFTMSRDNAKNTTYLQMNSLKPADTAVYYCHALIKNELGFLDYWGPGTQVTVSSAAAHHHHHHGAAEQKLISE
EDLNGAA
;
Y
#
loop_
_chem_comp.id
_chem_comp.type
_chem_comp.name
_chem_comp.formula
BMA D-saccharide, beta linking beta-D-mannopyranose 'C6 H12 O6'
MAN D-saccharide, alpha linking alpha-D-mannopyranose 'C6 H12 O6'
NAG D-saccharide, beta linking 2-acetamido-2-deoxy-beta-D-glucopyranose 'C8 H15 N O6'
#
# COMPACT_ATOMS: atom_id res chain seq x y z
N GLN A 14 8.25 9.46 -15.98
CA GLN A 14 8.32 10.58 -16.92
C GLN A 14 9.71 10.69 -17.54
N CYS A 15 9.85 10.20 -18.77
CA CYS A 15 11.10 10.32 -19.51
C CYS A 15 10.79 10.53 -20.98
N VAL A 16 11.58 11.37 -21.63
CA VAL A 16 11.53 11.47 -23.09
C VAL A 16 12.27 10.26 -23.63
N ASN A 17 12.04 9.90 -24.89
CA ASN A 17 12.74 8.81 -25.54
C ASN A 17 14.22 9.18 -25.61
N LEU A 18 15.04 8.50 -24.81
CA LEU A 18 16.45 8.86 -24.68
C LEU A 18 17.17 8.76 -26.03
N THR A 19 16.94 7.68 -26.76
CA THR A 19 17.62 7.40 -28.04
C THR A 19 19.13 7.44 -27.75
N THR A 20 19.94 8.09 -28.59
CA THR A 20 21.39 8.17 -28.40
C THR A 20 21.99 6.78 -28.20
N ARG A 21 21.45 5.80 -28.91
CA ARG A 21 21.84 4.40 -28.76
C ARG A 21 22.63 3.98 -29.99
N THR A 22 23.87 3.53 -29.77
CA THR A 22 24.75 3.03 -30.83
C THR A 22 25.20 1.64 -30.39
N GLN A 23 24.40 0.62 -30.75
CA GLN A 23 24.67 -0.73 -30.27
C GLN A 23 25.73 -1.41 -31.13
N LEU A 24 26.50 -2.28 -30.49
CA LEU A 24 27.55 -3.07 -31.12
C LEU A 24 27.42 -4.49 -30.59
N PRO A 25 27.97 -5.47 -31.31
CA PRO A 25 27.93 -6.85 -30.83
C PRO A 25 28.61 -6.96 -29.47
N PRO A 26 28.05 -7.76 -28.56
CA PRO A 26 28.62 -7.87 -27.22
C PRO A 26 29.83 -8.78 -27.21
N ALA A 27 30.45 -8.90 -26.04
CA ALA A 27 31.62 -9.77 -25.91
C ALA A 27 31.25 -11.04 -25.16
N TYR A 28 32.14 -12.04 -25.22
CA TYR A 28 31.99 -13.28 -24.47
C TYR A 28 33.32 -13.64 -23.84
N THR A 29 33.30 -13.88 -22.53
CA THR A 29 34.51 -14.25 -21.79
C THR A 29 34.26 -15.53 -21.00
N ASN A 30 35.27 -16.39 -20.91
CA ASN A 30 35.12 -17.69 -20.28
C ASN A 30 35.13 -17.57 -18.76
N SER A 31 34.39 -18.47 -18.10
CA SER A 31 34.31 -18.49 -16.64
C SER A 31 35.39 -19.40 -16.06
N PHE A 32 36.45 -18.82 -15.51
CA PHE A 32 37.53 -19.63 -14.94
C PHE A 32 37.13 -20.21 -13.59
N THR A 33 36.91 -19.37 -12.59
CA THR A 33 36.71 -19.81 -11.22
C THR A 33 35.48 -19.24 -10.54
N ARG A 34 34.64 -18.50 -11.26
CA ARG A 34 33.50 -17.83 -10.66
C ARG A 34 32.26 -18.71 -10.71
N GLY A 35 31.32 -18.45 -9.80
CA GLY A 35 30.08 -19.18 -9.76
C GLY A 35 29.92 -20.06 -8.53
N VAL A 36 30.53 -19.65 -7.42
CA VAL A 36 30.56 -20.45 -6.20
C VAL A 36 29.85 -19.69 -5.10
N TYR A 37 29.01 -20.39 -4.34
CA TYR A 37 28.23 -19.80 -3.27
C TYR A 37 28.06 -20.83 -2.16
N TYR A 38 27.76 -20.32 -0.96
CA TYR A 38 27.47 -21.21 0.15
C TYR A 38 26.17 -21.96 -0.11
N PRO A 39 26.16 -23.30 -0.04
CA PRO A 39 24.91 -24.03 -0.28
C PRO A 39 23.84 -23.75 0.77
N ASP A 40 24.21 -23.53 2.02
CA ASP A 40 23.23 -23.38 3.08
C ASP A 40 23.90 -22.76 4.30
N LYS A 41 23.07 -22.36 5.26
CA LYS A 41 23.51 -21.86 6.56
C LYS A 41 23.66 -22.98 7.58
N VAL A 42 24.47 -23.98 7.25
CA VAL A 42 24.82 -25.06 8.17
C VAL A 42 26.34 -25.08 8.30
N PHE A 43 26.82 -25.11 9.53
CA PHE A 43 28.23 -24.93 9.80
C PHE A 43 28.94 -26.29 9.74
N ARG A 44 29.97 -26.38 8.89
CA ARG A 44 30.84 -27.54 8.84
C ARG A 44 32.27 -27.07 9.03
N SER A 45 33.22 -28.01 8.95
CA SER A 45 34.64 -27.69 9.13
C SER A 45 35.50 -28.76 8.47
N SER A 46 36.30 -28.35 7.50
CA SER A 46 37.39 -29.16 6.94
C SER A 46 36.92 -30.56 6.53
N VAL A 47 36.06 -30.59 5.52
CA VAL A 47 35.52 -31.85 5.02
C VAL A 47 35.18 -31.71 3.55
N LEU A 48 35.25 -32.81 2.82
CA LEU A 48 34.82 -32.87 1.44
C LEU A 48 33.36 -33.30 1.39
N HIS A 49 32.51 -32.44 0.82
CA HIS A 49 31.09 -32.75 0.68
C HIS A 49 30.65 -32.49 -0.76
N SER A 50 29.80 -33.35 -1.28
CA SER A 50 29.30 -33.23 -2.63
C SER A 50 27.92 -32.58 -2.63
N THR A 51 27.65 -31.81 -3.68
CA THR A 51 26.37 -31.13 -3.83
C THR A 51 25.94 -31.20 -5.28
N GLN A 52 24.63 -31.16 -5.48
CA GLN A 52 24.01 -31.19 -6.80
C GLN A 52 22.91 -30.14 -6.82
N ASP A 53 23.20 -28.98 -7.41
CA ASP A 53 22.29 -27.84 -7.33
C ASP A 53 22.53 -26.96 -8.56
N LEU A 54 21.82 -25.82 -8.62
CA LEU A 54 22.01 -24.84 -9.67
C LEU A 54 23.38 -24.20 -9.53
N PHE A 55 24.16 -24.20 -10.60
CA PHE A 55 25.56 -23.84 -10.59
C PHE A 55 25.92 -23.13 -11.89
N LEU A 56 27.20 -22.75 -11.98
CA LEU A 56 27.73 -22.10 -13.18
C LEU A 56 28.82 -22.96 -13.79
N PRO A 57 28.71 -23.35 -15.05
CA PRO A 57 29.77 -24.14 -15.69
C PRO A 57 31.04 -23.32 -15.84
N PHE A 58 32.17 -24.03 -15.82
CA PHE A 58 33.46 -23.38 -15.99
C PHE A 58 33.70 -23.05 -17.44
N PHE A 59 34.40 -21.94 -17.69
CA PHE A 59 34.93 -21.53 -18.99
C PHE A 59 33.85 -21.30 -20.02
N SER A 60 32.58 -21.37 -19.64
CA SER A 60 31.52 -21.00 -20.56
C SER A 60 31.57 -19.50 -20.82
N ASN A 61 30.99 -19.08 -21.94
CA ASN A 61 30.93 -17.67 -22.28
C ASN A 61 29.99 -16.95 -21.33
N VAL A 62 30.37 -15.73 -20.94
CA VAL A 62 29.46 -14.79 -20.32
C VAL A 62 29.54 -13.50 -21.13
N THR A 63 28.38 -12.85 -21.29
CA THR A 63 28.28 -11.64 -22.08
C THR A 63 28.93 -10.47 -21.36
N TRP A 64 29.93 -9.88 -22.01
CA TRP A 64 30.61 -8.70 -21.53
C TRP A 64 30.05 -7.46 -22.22
N PHE A 65 29.70 -6.47 -21.41
CA PHE A 65 29.29 -5.16 -21.89
C PHE A 65 30.26 -4.13 -21.30
N HIS A 66 30.85 -3.32 -22.17
CA HIS A 66 31.68 -2.20 -21.76
C HIS A 66 31.03 -0.90 -22.23
N VAL A 67 30.91 0.07 -21.33
CA VAL A 67 30.25 1.34 -21.61
C VAL A 67 31.26 2.46 -21.40
N ILE A 68 31.37 3.34 -22.39
CA ILE A 68 32.24 4.50 -22.28
C ILE A 68 31.43 5.78 -22.51
N LYS A 75 26.66 9.60 -26.27
CA LYS A 75 27.79 8.71 -26.53
C LYS A 75 27.33 7.26 -26.69
N ARG A 76 28.13 6.32 -26.19
CA ARG A 76 27.86 4.90 -26.32
C ARG A 76 27.23 4.38 -25.03
N PHE A 77 26.09 3.72 -25.16
CA PHE A 77 25.33 3.21 -24.02
C PHE A 77 24.92 1.78 -24.30
N ASP A 78 24.97 0.94 -23.27
CA ASP A 78 24.71 -0.50 -23.43
C ASP A 78 23.86 -0.98 -22.26
N ASN A 79 22.56 -1.12 -22.51
CA ASN A 79 21.66 -1.76 -21.54
C ASN A 79 20.38 -2.21 -22.23
N PRO A 80 20.43 -3.20 -23.10
CA PRO A 80 19.21 -3.71 -23.72
C PRO A 80 18.50 -4.69 -22.79
N VAL A 81 17.31 -5.10 -23.22
CA VAL A 81 16.52 -6.04 -22.43
C VAL A 81 17.31 -7.33 -22.21
N LEU A 82 17.18 -7.89 -21.01
CA LEU A 82 17.94 -9.07 -20.63
C LEU A 82 16.98 -10.15 -20.15
N PRO A 83 16.85 -11.25 -20.88
CA PRO A 83 15.95 -12.31 -20.45
C PRO A 83 16.47 -13.02 -19.21
N PHE A 84 15.53 -13.46 -18.37
CA PHE A 84 15.84 -14.18 -17.15
C PHE A 84 15.39 -15.63 -17.28
N ASN A 85 16.25 -16.55 -16.89
CA ASN A 85 15.89 -17.97 -16.90
C ASN A 85 16.75 -18.74 -15.89
N ASP A 86 16.10 -19.14 -14.79
CA ASP A 86 16.72 -20.01 -13.79
C ASP A 86 18.00 -19.41 -13.22
N GLY A 87 17.92 -18.17 -12.75
CA GLY A 87 19.05 -17.54 -12.10
C GLY A 87 20.12 -17.02 -13.05
N VAL A 88 20.70 -15.88 -12.70
CA VAL A 88 21.72 -15.23 -13.52
C VAL A 88 22.88 -14.82 -12.63
N TYR A 89 24.09 -15.10 -13.08
CA TYR A 89 25.30 -14.62 -12.42
C TYR A 89 25.74 -13.33 -13.09
N PHE A 90 25.85 -12.27 -12.30
CA PHE A 90 26.25 -10.96 -12.76
C PHE A 90 27.57 -10.56 -12.09
N ALA A 91 28.38 -9.79 -12.81
CA ALA A 91 29.59 -9.20 -12.27
C ALA A 91 29.76 -7.81 -12.84
N SER A 92 30.48 -6.96 -12.11
CA SER A 92 30.78 -5.62 -12.59
C SER A 92 32.02 -5.11 -11.90
N ILE A 93 32.86 -4.38 -12.62
CA ILE A 93 34.13 -3.89 -12.10
C ILE A 93 34.18 -2.38 -12.30
N GLU A 94 34.43 -1.64 -11.22
CA GLU A 94 34.24 -0.20 -11.23
C GLU A 94 34.81 0.41 -9.96
N LYS A 95 35.06 1.72 -10.01
CA LYS A 95 35.22 2.59 -8.85
C LYS A 95 33.92 3.23 -8.40
N SER A 96 33.24 3.95 -9.29
CA SER A 96 32.17 4.86 -8.91
C SER A 96 30.85 4.16 -8.67
N ASN A 97 30.77 2.85 -8.87
CA ASN A 97 29.52 2.11 -8.73
C ASN A 97 28.42 2.77 -9.56
N ILE A 98 28.63 2.81 -10.88
CA ILE A 98 27.70 3.52 -11.77
C ILE A 98 26.30 2.92 -11.65
N ILE A 99 26.22 1.61 -11.43
CA ILE A 99 24.94 0.94 -11.34
C ILE A 99 24.31 1.22 -9.98
N ARG A 100 22.99 1.43 -9.99
CA ARG A 100 22.21 1.62 -8.78
C ARG A 100 21.31 0.43 -8.45
N GLY A 101 20.42 0.03 -9.36
CA GLY A 101 19.40 -0.93 -9.03
C GLY A 101 19.05 -1.83 -10.20
N TRP A 102 18.08 -2.70 -9.95
CA TRP A 102 17.62 -3.69 -10.90
C TRP A 102 16.10 -3.75 -10.90
N ILE A 103 15.55 -4.27 -11.99
CA ILE A 103 14.11 -4.45 -12.14
C ILE A 103 13.84 -5.89 -12.56
N PHE A 104 12.71 -6.42 -12.14
CA PHE A 104 12.35 -7.80 -12.41
C PHE A 104 10.84 -7.93 -12.59
N GLY A 105 10.45 -8.89 -13.41
CA GLY A 105 9.05 -9.13 -13.69
C GLY A 105 8.90 -9.98 -14.94
N THR A 106 7.71 -9.93 -15.52
CA THR A 106 7.41 -10.70 -16.72
C THR A 106 6.97 -9.86 -17.90
N THR A 107 6.06 -8.91 -17.72
CA THR A 107 5.58 -8.06 -18.80
C THR A 107 5.75 -6.58 -18.52
N LEU A 108 5.55 -6.17 -17.26
CA LEU A 108 5.97 -4.86 -16.76
C LEU A 108 5.12 -3.72 -17.32
N ASP A 109 3.86 -3.98 -17.64
CA ASP A 109 3.00 -2.97 -18.25
C ASP A 109 1.68 -2.82 -17.51
N SER A 110 1.73 -2.55 -16.20
CA SER A 110 0.54 -2.31 -15.39
C SER A 110 -0.40 -3.51 -15.37
N LYS A 111 0.14 -4.71 -15.58
CA LYS A 111 -0.65 -5.92 -15.53
C LYS A 111 0.03 -7.10 -14.83
N THR A 112 1.35 -7.03 -14.61
CA THR A 112 2.07 -8.11 -13.96
C THR A 112 2.94 -7.53 -12.85
N GLN A 113 2.94 -8.22 -11.71
CA GLN A 113 3.62 -7.73 -10.51
C GLN A 113 5.09 -7.47 -10.79
N SER A 114 5.59 -6.33 -10.29
CA SER A 114 6.93 -5.88 -10.63
C SER A 114 7.76 -5.69 -9.36
N LEU A 115 9.04 -6.06 -9.45
CA LEU A 115 9.99 -5.91 -8.36
C LEU A 115 11.10 -4.96 -8.74
N LEU A 116 11.20 -3.86 -7.99
CA LEU A 116 12.28 -2.91 -8.15
C LEU A 116 13.19 -3.01 -6.93
N ILE A 117 14.49 -2.95 -7.16
CA ILE A 117 15.47 -2.95 -6.08
C ILE A 117 16.49 -1.86 -6.37
N VAL A 118 16.83 -1.07 -5.36
CA VAL A 118 17.95 -0.14 -5.53
C VAL A 118 18.45 0.35 -4.18
N ASN A 119 19.78 0.44 -4.04
CA ASN A 119 20.44 0.91 -2.83
C ASN A 119 21.00 2.29 -3.12
N ASN A 120 20.32 3.32 -2.62
CA ASN A 120 20.80 4.68 -2.83
C ASN A 120 21.89 5.02 -1.82
N ALA A 121 22.19 6.31 -1.73
CA ALA A 121 23.27 6.77 -0.85
C ALA A 121 23.00 6.42 0.61
N THR A 122 21.75 6.61 1.05
CA THR A 122 21.46 6.47 2.47
C THR A 122 21.06 5.04 2.81
N ASN A 123 20.15 4.44 2.03
CA ASN A 123 19.60 3.14 2.39
C ASN A 123 19.24 2.37 1.11
N VAL A 124 18.55 1.25 1.32
CA VAL A 124 18.10 0.36 0.25
C VAL A 124 16.58 0.40 0.23
N VAL A 125 16.00 0.39 -0.97
CA VAL A 125 14.55 0.31 -1.14
C VAL A 125 14.23 -0.86 -2.06
N ILE A 126 13.32 -1.71 -1.58
CA ILE A 126 12.78 -2.84 -2.35
C ILE A 126 11.28 -2.61 -2.49
N LYS A 127 10.81 -2.64 -3.74
CA LYS A 127 9.44 -2.25 -4.06
C LYS A 127 8.77 -3.38 -4.81
N VAL A 128 7.65 -3.87 -4.28
CA VAL A 128 6.84 -4.89 -4.94
C VAL A 128 5.53 -4.20 -5.29
N CYS A 129 5.37 -3.85 -6.57
CA CYS A 129 4.21 -3.05 -6.96
C CYS A 129 4.07 -3.10 -8.47
N GLU A 130 3.04 -2.41 -8.96
CA GLU A 130 2.71 -2.39 -10.39
C GLU A 130 3.07 -1.02 -10.94
N PHE A 131 3.65 -0.98 -12.14
CA PHE A 131 4.37 0.20 -12.58
C PHE A 131 4.23 0.44 -14.08
N GLN A 132 4.61 1.66 -14.47
CA GLN A 132 4.78 2.09 -15.87
C GLN A 132 6.10 2.85 -15.99
N PHE A 133 7.18 2.12 -16.25
CA PHE A 133 8.50 2.72 -16.42
C PHE A 133 8.59 3.50 -17.72
N CYS A 134 9.80 3.96 -18.01
CA CYS A 134 10.11 4.68 -19.22
C CYS A 134 10.66 3.72 -20.27
N ASN A 135 10.76 4.22 -21.51
CA ASN A 135 11.40 3.41 -22.55
C ASN A 135 12.87 3.17 -22.23
N ASP A 136 13.55 4.18 -21.68
CA ASP A 136 14.95 4.07 -21.25
C ASP A 136 15.06 4.61 -19.84
N PRO A 137 14.62 3.86 -18.84
CA PRO A 137 14.72 4.33 -17.46
C PRO A 137 16.16 4.58 -17.06
N PHE A 138 16.37 5.64 -16.28
CA PHE A 138 17.72 6.07 -15.92
C PHE A 138 17.61 6.93 -14.67
N LEU A 139 18.77 7.15 -14.04
CA LEU A 139 18.89 8.03 -12.88
C LEU A 139 20.09 8.95 -13.05
N ASP A 140 20.27 9.45 -14.27
CA ASP A 140 21.41 10.30 -14.60
C ASP A 140 21.05 11.28 -15.71
N ASN A 144 27.69 15.57 -18.47
CA ASN A 144 27.13 15.56 -17.13
C ASN A 144 27.89 14.60 -16.24
N LYS A 145 29.17 14.90 -15.97
CA LYS A 145 29.96 14.05 -15.09
C LYS A 145 29.40 14.07 -13.67
N SER A 146 28.98 15.24 -13.20
CA SER A 146 28.32 15.33 -11.90
C SER A 146 27.00 14.57 -11.93
N TRP A 147 26.75 13.80 -10.88
CA TRP A 147 25.56 12.97 -10.83
C TRP A 147 24.35 13.79 -10.39
N MET A 148 23.23 13.59 -11.07
CA MET A 148 21.95 14.12 -10.63
C MET A 148 20.99 12.95 -10.47
N GLU A 149 20.07 13.05 -9.53
CA GLU A 149 19.11 12.00 -9.23
C GLU A 149 17.88 12.08 -10.13
N SER A 150 17.97 12.76 -11.26
CA SER A 150 16.82 13.01 -12.11
C SER A 150 16.25 11.72 -12.66
N GLU A 151 14.93 11.71 -12.83
CA GLU A 151 14.20 10.54 -13.33
C GLU A 151 14.42 9.33 -12.43
N PHE A 152 14.61 9.58 -11.14
CA PHE A 152 14.76 8.47 -10.20
C PHE A 152 13.49 7.63 -10.18
N ARG A 153 12.34 8.28 -10.21
CA ARG A 153 11.03 7.61 -10.18
C ARG A 153 10.63 7.28 -11.62
N VAL A 154 11.27 6.22 -12.13
CA VAL A 154 11.16 5.88 -13.55
C VAL A 154 9.73 5.46 -13.90
N TYR A 155 9.06 4.78 -12.99
CA TYR A 155 7.69 4.36 -13.21
C TYR A 155 6.75 5.56 -13.21
N SER A 156 5.55 5.38 -13.77
CA SER A 156 4.56 6.44 -13.71
C SER A 156 3.36 6.08 -12.84
N SER A 157 3.16 4.80 -12.53
CA SER A 157 2.04 4.36 -11.72
C SER A 157 2.52 3.43 -10.61
N ALA A 158 1.87 3.52 -9.45
CA ALA A 158 2.19 2.68 -8.30
C ALA A 158 0.88 2.18 -7.68
N ASN A 159 -0.04 1.71 -8.53
CA ASN A 159 -1.40 1.39 -8.12
C ASN A 159 -1.45 0.30 -7.06
N ASN A 160 -1.02 -0.92 -7.41
CA ASN A 160 -1.17 -2.08 -6.53
C ASN A 160 0.20 -2.44 -5.97
N CYS A 161 0.53 -1.86 -4.82
CA CYS A 161 1.77 -2.13 -4.12
C CYS A 161 1.48 -3.05 -2.94
N THR A 162 2.28 -4.10 -2.79
CA THR A 162 2.04 -5.10 -1.76
C THR A 162 3.15 -5.18 -0.72
N PHE A 163 4.40 -5.30 -1.14
CA PHE A 163 5.51 -5.50 -0.22
C PHE A 163 6.50 -4.35 -0.30
N GLU A 164 7.14 -4.06 0.83
CA GLU A 164 8.17 -3.04 0.93
C GLU A 164 9.24 -3.48 1.93
N TYR A 165 10.46 -3.03 1.71
CA TYR A 165 11.55 -3.33 2.63
C TYR A 165 12.64 -2.27 2.50
N VAL A 166 13.41 -2.09 3.57
CA VAL A 166 14.50 -1.12 3.63
C VAL A 166 15.68 -1.76 4.34
N SER A 167 16.89 -1.47 3.88
CA SER A 167 18.09 -1.98 4.52
C SER A 167 19.26 -1.03 4.25
N GLN A 168 20.40 -1.36 4.86
CA GLN A 168 21.60 -0.56 4.71
C GLN A 168 22.23 -0.79 3.34
N PRO A 169 22.78 0.26 2.72
CA PRO A 169 23.34 0.11 1.37
C PRO A 169 24.46 -0.92 1.30
N PHE A 170 24.55 -1.59 0.15
CA PHE A 170 25.40 -2.77 -0.01
C PHE A 170 26.87 -2.38 -0.24
N LEU A 171 27.40 -1.62 0.72
CA LEU A 171 28.78 -1.16 0.69
C LEU A 171 29.11 -0.40 -0.59
N MET A 172 28.15 0.37 -1.10
CA MET A 172 28.35 1.21 -2.28
C MET A 172 29.33 2.32 -1.98
N ASP A 173 30.19 2.62 -2.95
CA ASP A 173 30.97 3.84 -2.91
C ASP A 173 30.18 4.99 -3.54
N LEU A 174 30.19 6.13 -2.89
CA LEU A 174 29.37 7.27 -3.28
C LEU A 174 30.12 8.15 -4.27
N GLU A 175 29.42 8.58 -5.32
CA GLU A 175 29.98 9.41 -6.40
C GLU A 175 31.16 8.66 -7.00
N GLY A 176 32.36 9.23 -7.03
CA GLY A 176 33.51 8.51 -7.56
C GLY A 176 34.23 9.26 -8.67
N LYS A 177 35.54 9.04 -8.78
CA LYS A 177 36.37 9.64 -9.81
C LYS A 177 36.90 8.55 -10.72
N GLN A 178 36.88 8.81 -12.04
CA GLN A 178 37.28 7.80 -13.00
C GLN A 178 38.78 7.51 -12.90
N GLY A 179 39.14 6.25 -13.12
CA GLY A 179 40.51 5.80 -13.03
C GLY A 179 40.62 4.29 -13.20
N ASN A 180 41.36 3.63 -12.31
CA ASN A 180 41.44 2.18 -12.27
C ASN A 180 40.08 1.66 -11.80
N PHE A 181 39.87 0.36 -11.90
CA PHE A 181 38.65 -0.27 -11.38
C PHE A 181 39.03 -1.27 -10.31
N LYS A 182 38.85 -0.88 -9.04
CA LYS A 182 39.19 -1.74 -7.91
C LYS A 182 38.03 -2.60 -7.44
N ASN A 183 36.81 -2.09 -7.50
CA ASN A 183 35.66 -2.71 -6.85
C ASN A 183 34.99 -3.68 -7.81
N LEU A 184 35.02 -4.97 -7.46
CA LEU A 184 34.37 -6.02 -8.24
C LEU A 184 33.20 -6.54 -7.43
N ARG A 185 32.00 -6.49 -8.02
CA ARG A 185 30.77 -6.89 -7.33
C ARG A 185 30.05 -7.93 -8.17
N GLU A 186 29.64 -9.02 -7.52
CA GLU A 186 29.06 -10.17 -8.21
C GLU A 186 27.80 -10.64 -7.50
N PHE A 187 26.80 -11.00 -8.30
CA PHE A 187 25.44 -11.26 -7.86
C PHE A 187 24.97 -12.58 -8.47
N VAL A 188 24.11 -13.30 -7.75
CA VAL A 188 23.63 -14.60 -8.23
C VAL A 188 22.11 -14.72 -8.16
N PHE A 189 21.41 -13.61 -8.37
CA PHE A 189 19.95 -13.53 -8.23
C PHE A 189 19.24 -14.79 -8.68
N LYS A 190 18.37 -15.32 -7.82
CA LYS A 190 17.61 -16.52 -8.12
C LYS A 190 16.28 -16.53 -7.36
N ASN A 191 15.26 -17.12 -8.00
CA ASN A 191 13.95 -17.32 -7.41
C ASN A 191 13.64 -18.81 -7.43
N ILE A 192 13.49 -19.41 -6.25
CA ILE A 192 13.03 -20.79 -6.13
C ILE A 192 12.07 -20.89 -4.96
N ASP A 193 11.00 -21.64 -5.16
CA ASP A 193 9.94 -21.79 -4.16
C ASP A 193 9.40 -20.42 -3.74
N GLY A 194 9.25 -19.54 -4.73
CA GLY A 194 8.79 -18.19 -4.47
C GLY A 194 9.83 -17.31 -3.84
N TYR A 195 10.40 -17.74 -2.72
CA TYR A 195 11.40 -16.97 -2.02
C TYR A 195 12.58 -16.65 -2.93
N PHE A 196 13.04 -15.40 -2.88
CA PHE A 196 14.17 -14.96 -3.68
C PHE A 196 15.42 -14.86 -2.81
N LYS A 197 16.53 -15.39 -3.31
CA LYS A 197 17.78 -15.47 -2.56
C LYS A 197 18.86 -14.72 -3.30
N ILE A 198 19.70 -14.00 -2.56
CA ILE A 198 20.77 -13.19 -3.13
C ILE A 198 22.05 -13.48 -2.37
N TYR A 199 23.10 -13.88 -3.10
CA TYR A 199 24.41 -14.13 -2.51
C TYR A 199 25.39 -13.18 -3.18
N SER A 200 26.29 -12.59 -2.40
CA SER A 200 27.22 -11.65 -3.00
C SER A 200 28.43 -11.45 -2.10
N LYS A 201 29.49 -10.90 -2.68
CA LYS A 201 30.71 -10.53 -1.97
C LYS A 201 31.35 -9.34 -2.64
N HIS A 202 32.07 -8.54 -1.85
CA HIS A 202 32.75 -7.36 -2.36
C HIS A 202 34.22 -7.67 -2.60
N THR A 203 34.67 -7.47 -3.83
CA THR A 203 36.04 -7.76 -4.22
C THR A 203 36.77 -6.46 -4.55
N PRO A 204 37.51 -5.89 -3.61
CA PRO A 204 38.15 -4.60 -3.86
C PRO A 204 39.56 -4.71 -4.44
N ILE A 205 40.20 -3.56 -4.59
CA ILE A 205 41.61 -3.37 -4.93
C ILE A 205 42.09 -4.32 -6.04
N ILE A 206 41.32 -4.40 -7.13
CA ILE A 206 41.80 -5.08 -8.32
C ILE A 206 42.51 -4.05 -9.20
N VAL A 207 43.79 -3.81 -8.91
CA VAL A 207 44.51 -2.73 -9.58
C VAL A 207 44.86 -3.11 -11.01
N ARG A 208 44.92 -4.41 -11.28
CA ARG A 208 45.37 -4.89 -12.59
C ARG A 208 44.44 -4.42 -13.69
N GLU A 209 45.02 -4.15 -14.87
CA GLU A 209 44.24 -3.65 -15.99
C GLU A 209 43.20 -4.68 -16.40
N PRO A 210 41.91 -4.31 -16.42
CA PRO A 210 40.88 -5.32 -16.63
C PRO A 210 40.59 -5.62 -18.10
N GLU A 211 40.86 -6.87 -18.50
CA GLU A 211 40.36 -7.42 -19.75
C GLU A 211 40.00 -8.88 -19.50
N ASP A 212 38.99 -9.36 -20.21
CA ASP A 212 38.40 -10.69 -19.95
C ASP A 212 37.95 -10.69 -18.49
N LEU A 213 38.32 -11.68 -17.69
CA LEU A 213 37.97 -11.72 -16.28
C LEU A 213 39.14 -12.20 -15.45
N PRO A 214 39.25 -11.75 -14.19
CA PRO A 214 40.29 -12.29 -13.31
C PRO A 214 39.90 -13.67 -12.79
N GLN A 215 40.90 -14.38 -12.26
CA GLN A 215 40.67 -15.70 -11.67
C GLN A 215 40.58 -15.55 -10.16
N GLY A 216 39.43 -15.88 -9.60
CA GLY A 216 39.21 -15.69 -8.17
C GLY A 216 38.23 -16.70 -7.63
N PHE A 217 38.53 -17.21 -6.44
CA PHE A 217 37.71 -18.25 -5.80
C PHE A 217 36.78 -17.62 -4.76
N SER A 218 35.75 -16.95 -5.25
CA SER A 218 34.76 -16.36 -4.35
C SER A 218 33.62 -17.35 -4.07
N ALA A 219 33.01 -17.21 -2.90
CA ALA A 219 32.05 -18.15 -2.35
C ALA A 219 30.81 -17.44 -1.83
N LEU A 220 30.17 -16.64 -2.69
CA LEU A 220 29.16 -15.65 -2.33
C LEU A 220 28.27 -16.09 -1.18
N GLU A 221 28.14 -15.22 -0.17
CA GLU A 221 27.52 -15.29 1.14
C GLU A 221 26.14 -14.63 1.14
N PRO A 222 25.22 -15.11 1.98
CA PRO A 222 23.82 -14.71 1.87
C PRO A 222 23.58 -13.24 2.22
N LEU A 223 22.57 -12.65 1.58
CA LEU A 223 22.15 -11.29 1.91
C LEU A 223 20.72 -11.23 2.44
N VAL A 224 19.74 -11.63 1.64
CA VAL A 224 18.33 -11.58 2.03
C VAL A 224 17.61 -12.77 1.41
N ASP A 225 16.47 -13.12 2.00
CA ASP A 225 15.68 -14.28 1.60
C ASP A 225 14.20 -13.89 1.52
N LEU A 226 13.92 -12.79 0.83
CA LEU A 226 12.58 -12.21 0.71
C LEU A 226 11.49 -13.25 0.50
N PRO A 227 10.49 -13.30 1.39
CA PRO A 227 9.37 -14.25 1.28
C PRO A 227 8.32 -13.84 0.25
N ILE A 228 8.77 -13.42 -0.93
CA ILE A 228 7.88 -12.99 -1.99
C ILE A 228 7.82 -14.07 -3.06
N GLY A 229 7.61 -13.65 -4.31
CA GLY A 229 7.69 -14.58 -5.43
C GLY A 229 6.70 -14.32 -6.53
N ILE A 230 7.21 -14.22 -7.76
CA ILE A 230 6.39 -14.01 -8.96
C ILE A 230 7.05 -14.72 -10.12
N ASN A 231 6.45 -14.63 -11.30
CA ASN A 231 7.09 -15.12 -12.52
C ASN A 231 8.01 -14.03 -13.05
N ILE A 232 9.27 -14.38 -13.27
CA ILE A 232 10.25 -13.47 -13.87
C ILE A 232 10.81 -14.15 -15.11
N THR A 233 10.69 -13.48 -16.25
CA THR A 233 11.23 -13.96 -17.51
C THR A 233 12.33 -13.07 -18.08
N ARG A 234 12.38 -11.80 -17.70
CA ARG A 234 13.43 -10.90 -18.13
C ARG A 234 13.69 -9.90 -17.00
N PHE A 235 14.59 -8.96 -17.25
CA PHE A 235 15.04 -8.06 -16.21
C PHE A 235 15.91 -6.98 -16.84
N GLN A 236 16.21 -5.96 -16.04
CA GLN A 236 17.11 -4.89 -16.44
C GLN A 236 17.66 -4.22 -15.20
N THR A 237 18.79 -3.55 -15.36
CA THR A 237 19.43 -2.81 -14.29
C THR A 237 19.31 -1.31 -14.55
N LEU A 238 19.76 -0.53 -13.57
CA LEU A 238 19.70 0.92 -13.65
C LEU A 238 21.09 1.50 -13.48
N LEU A 239 21.40 2.50 -14.30
CA LEU A 239 22.69 3.17 -14.29
C LEU A 239 22.58 4.51 -13.58
N ALA A 240 23.72 5.19 -13.46
CA ALA A 240 23.77 6.52 -12.88
C ALA A 240 24.93 7.32 -13.47
N SER A 251 18.44 18.46 -18.14
CA SER A 251 19.12 17.80 -19.25
C SER A 251 18.93 16.29 -19.19
N SER A 252 17.88 15.80 -19.86
CA SER A 252 17.62 14.38 -19.92
C SER A 252 18.68 13.61 -20.70
N SER A 253 19.50 14.29 -21.49
CA SER A 253 20.54 13.64 -22.26
C SER A 253 21.83 14.44 -22.09
N GLY A 254 22.83 14.11 -22.90
CA GLY A 254 24.13 14.74 -22.75
C GLY A 254 24.91 14.28 -21.55
N TRP A 255 24.50 13.18 -20.92
CA TRP A 255 25.20 12.66 -19.76
C TRP A 255 26.58 12.17 -20.14
N THR A 256 27.56 12.46 -19.30
CA THR A 256 28.95 12.04 -19.50
C THR A 256 29.40 11.23 -18.29
N ALA A 257 30.02 10.10 -18.55
CA ALA A 257 30.52 9.20 -17.51
C ALA A 257 31.78 8.51 -18.00
N GLY A 258 32.54 7.94 -17.07
CA GLY A 258 33.76 7.25 -17.44
C GLY A 258 33.46 5.82 -17.90
N ALA A 259 34.54 5.08 -18.18
CA ALA A 259 34.40 3.71 -18.65
C ALA A 259 33.88 2.80 -17.54
N ALA A 260 33.26 1.70 -17.94
CA ALA A 260 32.75 0.70 -17.00
C ALA A 260 32.59 -0.63 -17.74
N ALA A 261 32.63 -1.71 -16.98
CA ALA A 261 32.57 -3.06 -17.55
C ALA A 261 31.75 -3.97 -16.64
N TYR A 262 30.88 -4.78 -17.24
CA TYR A 262 30.10 -5.75 -16.50
C TYR A 262 29.81 -6.97 -17.37
N TYR A 263 29.24 -7.98 -16.74
CA TYR A 263 29.29 -9.36 -17.22
C TYR A 263 28.03 -10.09 -16.76
N VAL A 264 27.42 -10.87 -17.64
CA VAL A 264 26.19 -11.60 -17.33
C VAL A 264 26.28 -13.02 -17.88
N GLY A 265 25.83 -13.99 -17.09
CA GLY A 265 25.82 -15.37 -17.54
C GLY A 265 24.66 -16.12 -16.92
N TYR A 266 24.23 -17.18 -17.61
CA TYR A 266 23.15 -18.01 -17.12
C TYR A 266 23.68 -19.12 -16.22
N LEU A 267 22.74 -19.90 -15.66
CA LEU A 267 23.06 -20.95 -14.70
C LEU A 267 22.34 -22.22 -15.08
N GLN A 268 22.95 -23.37 -14.79
CA GLN A 268 22.32 -24.65 -15.03
C GLN A 268 22.62 -25.57 -13.86
N PRO A 269 21.77 -26.58 -13.63
CA PRO A 269 22.04 -27.51 -12.53
C PRO A 269 23.19 -28.44 -12.86
N ARG A 270 24.12 -28.57 -11.92
CA ARG A 270 25.25 -29.49 -12.05
C ARG A 270 25.62 -29.93 -10.63
N THR A 271 26.80 -30.54 -10.48
CA THR A 271 27.26 -31.04 -9.20
C THR A 271 28.72 -30.70 -9.00
N PHE A 272 29.12 -30.62 -7.73
CA PHE A 272 30.50 -30.30 -7.36
C PHE A 272 30.87 -30.95 -6.04
N LEU A 273 32.17 -30.99 -5.79
CA LEU A 273 32.74 -31.39 -4.51
C LEU A 273 33.44 -30.18 -3.90
N LEU A 274 33.20 -29.96 -2.62
CA LEU A 274 33.71 -28.79 -1.93
C LEU A 274 34.51 -29.22 -0.71
N LYS A 275 35.62 -28.52 -0.47
CA LYS A 275 36.45 -28.76 0.71
C LYS A 275 36.39 -27.56 1.64
N TYR A 276 36.03 -27.80 2.89
CA TYR A 276 36.01 -26.77 3.91
C TYR A 276 37.38 -26.67 4.55
N ASN A 277 37.53 -25.72 5.47
CA ASN A 277 38.77 -25.59 6.24
C ASN A 277 38.44 -25.81 7.71
N GLU A 278 39.47 -25.70 8.55
CA GLU A 278 39.26 -25.83 9.98
C GLU A 278 38.35 -24.73 10.51
N ASN A 279 38.44 -23.52 9.95
CA ASN A 279 37.47 -22.49 10.30
C ASN A 279 36.07 -22.86 9.84
N GLY A 280 35.96 -23.45 8.64
CA GLY A 280 34.67 -23.86 8.13
C GLY A 280 34.25 -23.18 6.85
N THR A 281 35.19 -22.59 6.14
CA THR A 281 34.93 -21.98 4.85
C THR A 281 35.54 -22.82 3.73
N ILE A 282 34.94 -22.72 2.55
CA ILE A 282 35.40 -23.51 1.41
C ILE A 282 36.75 -23.00 0.95
N THR A 283 37.72 -23.90 0.83
CA THR A 283 39.02 -23.59 0.27
C THR A 283 39.10 -23.91 -1.21
N ASP A 284 38.47 -24.99 -1.65
CA ASP A 284 38.49 -25.38 -3.05
C ASP A 284 37.20 -26.09 -3.40
N ALA A 285 36.86 -26.03 -4.69
CA ALA A 285 35.73 -26.77 -5.22
C ALA A 285 36.11 -27.31 -6.59
N VAL A 286 35.57 -28.48 -6.92
CA VAL A 286 35.92 -29.17 -8.15
C VAL A 286 34.65 -29.75 -8.75
N ASP A 287 34.70 -29.99 -10.06
CA ASP A 287 33.55 -30.53 -10.77
C ASP A 287 33.55 -32.06 -10.76
N ASN B 331 9.72 -8.04 17.26
CA ASN B 331 8.87 -7.41 16.27
C ASN B 331 7.43 -7.32 16.78
N LEU B 332 6.74 -6.24 16.42
CA LEU B 332 5.37 -6.00 16.83
C LEU B 332 4.52 -5.68 15.61
N CYS B 333 3.37 -6.34 15.49
CA CYS B 333 2.41 -5.96 14.49
C CYS B 333 1.68 -4.69 14.93
N PRO B 334 1.36 -3.80 13.99
CA PRO B 334 0.73 -2.52 14.36
C PRO B 334 -0.74 -2.67 14.71
N PHE B 335 -1.03 -3.36 15.81
CA PHE B 335 -2.40 -3.47 16.26
C PHE B 335 -2.79 -2.33 17.19
N ASP B 336 -1.80 -1.58 17.70
CA ASP B 336 -2.08 -0.56 18.71
C ASP B 336 -2.95 0.55 18.13
N GLU B 337 -2.57 1.11 16.98
CA GLU B 337 -3.33 2.21 16.40
C GLU B 337 -4.73 1.75 15.99
N VAL B 338 -4.87 0.49 15.61
CA VAL B 338 -6.20 -0.04 15.28
C VAL B 338 -7.06 -0.12 16.53
N PHE B 339 -6.49 -0.66 17.62
CA PHE B 339 -7.24 -0.83 18.85
C PHE B 339 -7.30 0.44 19.71
N ASN B 340 -6.47 1.44 19.41
CA ASN B 340 -6.44 2.69 20.15
C ASN B 340 -6.72 3.86 19.22
N ALA B 341 -7.52 3.63 18.18
CA ALA B 341 -7.85 4.69 17.24
C ALA B 341 -8.68 5.78 17.90
N THR B 342 -8.42 7.02 17.51
CA THR B 342 -9.13 8.15 18.10
C THR B 342 -10.62 8.08 17.79
N ARG B 343 -10.97 7.78 16.54
CA ARG B 343 -12.37 7.70 16.13
C ARG B 343 -12.56 6.48 15.24
N PHE B 344 -13.78 5.96 15.25
CA PHE B 344 -14.15 4.84 14.40
C PHE B 344 -15.12 5.31 13.32
N ALA B 345 -14.86 4.90 12.08
CA ALA B 345 -15.62 5.37 10.94
C ALA B 345 -17.02 4.75 10.94
N SER B 346 -17.84 5.21 9.99
CA SER B 346 -19.20 4.73 9.86
C SER B 346 -19.21 3.28 9.37
N VAL B 347 -20.35 2.61 9.56
CA VAL B 347 -20.45 1.21 9.21
C VAL B 347 -20.45 1.02 7.69
N TYR B 348 -21.13 1.92 6.96
CA TYR B 348 -21.11 1.79 5.50
C TYR B 348 -19.74 2.15 4.92
N ALA B 349 -18.92 2.85 5.69
CA ALA B 349 -17.54 3.14 5.30
C ALA B 349 -16.61 2.40 6.24
N TRP B 350 -16.93 1.15 6.53
CA TRP B 350 -16.20 0.32 7.49
C TRP B 350 -14.71 0.33 7.21
N ASN B 351 -13.94 0.77 8.21
CA ASN B 351 -12.49 0.86 8.05
C ASN B 351 -11.85 -0.51 8.23
N ARG B 352 -11.30 -1.03 7.14
CA ARG B 352 -10.67 -2.35 7.11
C ARG B 352 -9.23 -2.21 6.66
N LYS B 353 -8.33 -2.90 7.36
CA LYS B 353 -6.91 -2.86 7.08
C LYS B 353 -6.37 -4.27 6.94
N ARG B 354 -5.45 -4.44 6.00
CA ARG B 354 -4.71 -5.69 5.81
C ARG B 354 -3.38 -5.56 6.53
N ILE B 355 -3.11 -6.47 7.45
CA ILE B 355 -1.89 -6.46 8.24
C ILE B 355 -1.06 -7.66 7.84
N SER B 356 0.19 -7.42 7.49
CA SER B 356 1.07 -8.50 7.04
C SER B 356 2.52 -8.15 7.36
N ASN B 357 3.35 -9.19 7.40
CA ASN B 357 4.80 -9.04 7.51
C ASN B 357 5.22 -8.39 8.84
N CYS B 358 4.74 -8.96 9.94
CA CYS B 358 5.16 -8.51 11.27
C CYS B 358 4.93 -9.66 12.25
N VAL B 359 5.04 -9.35 13.54
CA VAL B 359 4.83 -10.31 14.62
C VAL B 359 3.70 -9.79 15.48
N ALA B 360 2.67 -10.62 15.68
CA ALA B 360 1.44 -10.22 16.35
C ALA B 360 1.25 -11.06 17.61
N ASP B 361 1.69 -10.52 18.75
CA ASP B 361 1.47 -11.16 20.04
C ASP B 361 0.06 -10.84 20.51
N TYR B 362 -0.66 -11.87 20.97
CA TYR B 362 -2.05 -11.70 21.39
C TYR B 362 -2.20 -11.50 22.89
N SER B 363 -1.11 -11.61 23.65
CA SER B 363 -1.22 -11.52 25.11
C SER B 363 -1.65 -10.13 25.56
N VAL B 364 -1.05 -9.09 24.97
CA VAL B 364 -1.36 -7.72 25.39
C VAL B 364 -2.83 -7.40 25.12
N LEU B 365 -3.33 -7.76 23.94
CA LEU B 365 -4.73 -7.53 23.63
C LEU B 365 -5.63 -8.38 24.53
N TYR B 366 -5.23 -9.62 24.80
CA TYR B 366 -6.02 -10.48 25.68
C TYR B 366 -6.07 -9.93 27.09
N ASN B 367 -4.96 -9.38 27.57
CA ASN B 367 -4.88 -8.83 28.92
C ASN B 367 -5.38 -7.40 29.02
N LEU B 368 -5.79 -6.79 27.90
CA LEU B 368 -6.29 -5.43 27.92
C LEU B 368 -7.62 -5.42 28.66
N ALA B 369 -7.62 -4.84 29.87
CA ALA B 369 -8.74 -5.01 30.79
C ALA B 369 -10.07 -4.46 30.27
N PRO B 370 -10.17 -3.22 29.78
CA PRO B 370 -11.50 -2.68 29.45
C PRO B 370 -12.21 -3.40 28.30
N PHE B 371 -11.57 -4.34 27.63
CA PHE B 371 -12.27 -5.15 26.63
C PHE B 371 -13.38 -5.95 27.30
N PHE B 372 -14.57 -5.92 26.71
CA PHE B 372 -15.74 -6.53 27.31
C PHE B 372 -16.06 -7.90 26.72
N THR B 373 -16.27 -7.98 25.40
CA THR B 373 -16.57 -9.23 24.75
C THR B 373 -15.49 -9.53 23.72
N PHE B 374 -14.97 -10.75 23.74
CA PHE B 374 -13.99 -11.19 22.75
C PHE B 374 -14.26 -12.66 22.46
N LYS B 375 -15.00 -12.90 21.38
CA LYS B 375 -15.40 -14.25 21.00
C LYS B 375 -14.88 -14.56 19.61
N CYS B 376 -14.27 -15.73 19.45
CA CYS B 376 -13.65 -16.10 18.19
C CYS B 376 -14.32 -17.35 17.63
N TYR B 377 -14.27 -17.48 16.31
CA TYR B 377 -15.09 -18.46 15.61
C TYR B 377 -14.29 -19.54 14.88
N GLY B 378 -12.98 -19.38 14.73
CA GLY B 378 -12.22 -20.35 13.96
C GLY B 378 -11.32 -21.26 14.78
N VAL B 379 -10.70 -20.72 15.82
CA VAL B 379 -9.79 -21.47 16.68
C VAL B 379 -10.02 -21.02 18.13
N SER B 380 -9.30 -21.65 19.04
CA SER B 380 -9.36 -21.25 20.44
C SER B 380 -8.76 -19.85 20.59
N PRO B 381 -9.45 -18.94 21.28
CA PRO B 381 -9.00 -17.55 21.37
C PRO B 381 -7.88 -17.29 22.37
N THR B 382 -7.21 -18.32 22.86
CA THR B 382 -6.10 -18.15 23.79
C THR B 382 -4.81 -18.77 23.26
N LYS B 383 -4.78 -19.20 22.00
CA LYS B 383 -3.63 -19.89 21.44
C LYS B 383 -3.33 -19.41 20.01
N LEU B 384 -3.62 -18.15 19.72
CA LEU B 384 -3.35 -17.61 18.39
C LEU B 384 -1.86 -17.40 18.13
N ASN B 385 -1.05 -17.24 19.19
CA ASN B 385 0.36 -16.89 19.00
C ASN B 385 1.13 -18.00 18.29
N ASP B 386 0.91 -19.25 18.67
CA ASP B 386 1.64 -20.34 18.01
C ASP B 386 1.10 -20.63 16.62
N LEU B 387 -0.11 -20.20 16.32
CA LEU B 387 -0.68 -20.32 14.98
C LEU B 387 -0.19 -19.15 14.14
N CYS B 388 0.41 -19.44 12.98
CA CYS B 388 0.93 -18.42 12.10
C CYS B 388 0.06 -18.34 10.85
N PHE B 389 -0.35 -17.11 10.50
CA PHE B 389 -1.23 -16.86 9.38
C PHE B 389 -0.62 -15.82 8.46
N THR B 390 -0.83 -15.99 7.16
CA THR B 390 -0.24 -15.07 6.19
C THR B 390 -0.95 -13.73 6.16
N ASN B 391 -2.26 -13.73 6.43
CA ASN B 391 -3.08 -12.53 6.24
C ASN B 391 -3.79 -12.18 7.53
N VAL B 392 -3.97 -10.87 7.73
CA VAL B 392 -4.68 -10.31 8.88
C VAL B 392 -5.57 -9.19 8.38
N TYR B 393 -6.87 -9.31 8.59
CA TYR B 393 -7.82 -8.28 8.21
C TYR B 393 -8.52 -7.77 9.45
N ALA B 394 -8.52 -6.45 9.64
CA ALA B 394 -9.12 -5.83 10.83
C ALA B 394 -10.12 -4.78 10.37
N ASP B 395 -11.37 -4.90 10.83
CA ASP B 395 -12.42 -3.95 10.51
C ASP B 395 -12.95 -3.34 11.79
N SER B 396 -12.91 -2.01 11.89
CA SER B 396 -13.28 -1.31 13.11
C SER B 396 -14.41 -0.34 12.82
N PHE B 397 -15.32 -0.20 13.79
CA PHE B 397 -16.50 0.64 13.63
C PHE B 397 -17.20 0.78 14.98
N VAL B 398 -18.31 1.52 14.98
CA VAL B 398 -19.10 1.79 16.18
C VAL B 398 -20.57 1.56 15.84
N ILE B 399 -21.27 0.84 16.71
CA ILE B 399 -22.69 0.55 16.53
C ILE B 399 -23.42 0.77 17.85
N ARG B 400 -24.71 0.46 17.85
CA ARG B 400 -25.49 0.49 19.08
C ARG B 400 -25.11 -0.68 19.99
N GLY B 401 -25.37 -0.50 21.28
CA GLY B 401 -25.26 -1.62 22.20
C GLY B 401 -26.40 -2.61 22.08
N ASP B 402 -27.52 -2.19 21.49
CA ASP B 402 -28.66 -3.09 21.31
C ASP B 402 -28.39 -4.11 20.22
N GLU B 403 -27.72 -3.71 19.14
CA GLU B 403 -27.57 -4.53 17.95
C GLU B 403 -26.18 -5.16 17.84
N VAL B 404 -25.46 -5.28 18.96
CA VAL B 404 -24.14 -5.90 18.93
C VAL B 404 -24.26 -7.36 18.47
N ARG B 405 -25.26 -8.08 18.97
CA ARG B 405 -25.46 -9.45 18.52
C ARG B 405 -25.84 -9.55 17.05
N GLN B 406 -25.87 -8.43 16.33
CA GLN B 406 -26.09 -8.51 14.89
C GLN B 406 -24.78 -8.78 14.16
N ILE B 407 -23.66 -8.76 14.89
CA ILE B 407 -22.37 -9.01 14.26
C ILE B 407 -22.25 -10.43 13.72
N ALA B 408 -23.03 -11.37 14.25
CA ALA B 408 -22.89 -12.77 13.90
C ALA B 408 -23.08 -12.97 12.40
N PRO B 409 -22.35 -13.89 11.78
CA PRO B 409 -22.49 -14.09 10.33
C PRO B 409 -23.89 -14.52 9.95
N GLY B 410 -24.38 -13.99 8.84
CA GLY B 410 -25.71 -14.28 8.38
C GLY B 410 -26.82 -13.68 9.21
N GLN B 411 -26.50 -12.80 10.15
CA GLN B 411 -27.52 -12.22 11.01
C GLN B 411 -28.39 -11.24 10.22
N THR B 412 -29.66 -11.19 10.60
CA THR B 412 -30.61 -10.26 10.00
C THR B 412 -30.41 -8.87 10.58
N GLY B 413 -30.92 -7.86 9.87
CA GLY B 413 -30.81 -6.50 10.36
C GLY B 413 -30.48 -5.53 9.27
N ASN B 414 -30.95 -4.29 9.42
CA ASN B 414 -30.73 -3.29 8.37
C ASN B 414 -29.26 -3.01 8.18
N ILE B 415 -28.51 -2.88 9.28
CA ILE B 415 -27.09 -2.65 9.14
C ILE B 415 -26.38 -3.81 8.45
N ALA B 416 -26.72 -5.05 8.78
CA ALA B 416 -26.09 -6.15 8.07
C ALA B 416 -26.45 -6.17 6.58
N ASP B 417 -27.72 -6.00 6.26
CA ASP B 417 -28.15 -6.04 4.85
C ASP B 417 -27.65 -4.91 3.96
N TYR B 418 -27.73 -3.69 4.45
CA TYR B 418 -27.38 -2.56 3.58
C TYR B 418 -26.01 -1.94 3.82
N ASN B 419 -25.30 -2.39 4.84
CA ASN B 419 -24.01 -1.78 5.15
C ASN B 419 -22.88 -2.76 5.04
N TYR B 420 -22.98 -3.86 5.79
CA TYR B 420 -21.85 -4.78 5.81
C TYR B 420 -22.30 -6.12 6.34
N LYS B 421 -22.06 -7.20 5.59
CA LYS B 421 -22.53 -8.52 5.97
C LYS B 421 -21.35 -9.45 6.17
N LEU B 422 -21.55 -10.43 7.06
CA LEU B 422 -20.54 -11.44 7.36
C LEU B 422 -21.00 -12.80 6.84
N PRO B 423 -20.25 -13.42 5.94
CA PRO B 423 -20.64 -14.74 5.45
C PRO B 423 -20.51 -15.80 6.54
N ASP B 424 -21.35 -16.83 6.44
CA ASP B 424 -21.36 -17.89 7.44
C ASP B 424 -20.09 -18.73 7.43
N ASP B 425 -19.27 -18.66 6.38
CA ASP B 425 -18.02 -19.40 6.31
C ASP B 425 -16.83 -18.58 6.82
N PHE B 426 -17.08 -17.39 7.34
CA PHE B 426 -15.99 -16.55 7.85
C PHE B 426 -15.34 -17.20 9.06
N THR B 427 -14.01 -17.19 9.07
CA THR B 427 -13.21 -17.76 10.15
C THR B 427 -12.40 -16.64 10.79
N GLY B 428 -12.74 -16.29 12.02
CA GLY B 428 -12.02 -15.21 12.69
C GLY B 428 -12.63 -14.91 14.06
N CYS B 429 -12.24 -13.76 14.58
CA CYS B 429 -12.58 -13.34 15.94
C CYS B 429 -13.35 -12.02 15.88
N VAL B 430 -13.98 -11.66 17.00
CA VAL B 430 -14.67 -10.38 17.10
C VAL B 430 -14.62 -9.88 18.55
N ILE B 431 -14.35 -8.59 18.71
CA ILE B 431 -14.24 -7.95 20.02
C ILE B 431 -15.14 -6.72 20.03
N ALA B 432 -15.86 -6.53 21.13
CA ALA B 432 -16.71 -5.36 21.34
C ALA B 432 -16.51 -4.83 22.76
N TRP B 433 -16.60 -3.51 22.88
CA TRP B 433 -16.49 -2.86 24.18
C TRP B 433 -17.24 -1.53 24.13
N ASN B 434 -17.19 -0.80 25.25
CA ASN B 434 -17.97 0.41 25.42
C ASN B 434 -17.11 1.66 25.23
N SER B 435 -17.68 2.65 24.55
CA SER B 435 -17.09 3.97 24.42
C SER B 435 -18.15 5.04 24.57
N ASN B 436 -19.08 4.83 25.52
CA ASN B 436 -20.20 5.75 25.68
C ASN B 436 -19.78 7.11 26.23
N LYS B 437 -18.65 7.17 26.95
CA LYS B 437 -18.20 8.42 27.52
C LYS B 437 -17.53 9.35 26.51
N LEU B 438 -17.27 8.86 25.29
CA LEU B 438 -16.62 9.68 24.28
C LEU B 438 -17.45 9.73 23.01
N ASP B 439 -18.45 8.87 22.90
CA ASP B 439 -19.35 8.83 21.74
C ASP B 439 -20.75 9.33 22.08
N SER B 440 -20.87 10.16 23.11
CA SER B 440 -22.16 10.72 23.51
C SER B 440 -22.13 12.24 23.34
N LYS B 441 -23.11 12.77 22.63
CA LYS B 441 -23.25 14.20 22.41
C LYS B 441 -24.47 14.73 23.13
N VAL B 442 -24.30 15.85 23.83
CA VAL B 442 -25.42 16.46 24.56
C VAL B 442 -26.54 16.82 23.59
N SER B 443 -26.20 17.16 22.35
CA SER B 443 -27.19 17.40 21.31
C SER B 443 -27.58 16.13 20.57
N GLY B 444 -26.92 15.01 20.85
CA GLY B 444 -27.17 13.77 20.15
C GLY B 444 -26.09 13.48 19.12
N ASN B 445 -25.43 12.33 19.26
CA ASN B 445 -24.35 11.95 18.36
C ASN B 445 -24.95 11.58 17.00
N TYR B 446 -24.91 12.53 16.07
CA TYR B 446 -25.43 12.31 14.72
C TYR B 446 -24.30 12.22 13.70
N ASN B 447 -23.06 12.06 14.16
CA ASN B 447 -21.92 11.92 13.27
C ASN B 447 -21.81 10.53 12.66
N TYR B 448 -22.51 9.56 13.25
CA TYR B 448 -22.49 8.21 12.72
C TYR B 448 -23.65 8.01 11.78
N LEU B 449 -23.39 7.39 10.64
CA LEU B 449 -24.43 7.14 9.64
C LEU B 449 -24.39 5.71 9.14
N TYR B 450 -25.51 5.23 8.61
CA TYR B 450 -25.58 3.85 8.14
C TYR B 450 -26.51 3.69 6.93
N ARG B 451 -26.07 2.94 5.92
CA ARG B 451 -26.94 2.70 4.77
C ARG B 451 -28.21 1.94 5.17
N LEU B 452 -29.34 2.28 4.56
CA LEU B 452 -30.61 1.67 4.90
C LEU B 452 -31.39 1.16 3.69
N PHE B 453 -31.06 1.62 2.49
CA PHE B 453 -31.75 1.08 1.31
C PHE B 453 -30.75 0.57 0.29
N ARG B 454 -31.04 -0.59 -0.27
CA ARG B 454 -30.19 -1.20 -1.29
C ARG B 454 -31.01 -2.25 -2.03
N LYS B 455 -31.09 -2.10 -3.36
CA LYS B 455 -31.92 -2.98 -4.17
C LYS B 455 -31.32 -4.36 -4.37
N SER B 456 -29.99 -4.50 -4.26
CA SER B 456 -29.33 -5.78 -4.40
C SER B 456 -28.40 -5.97 -3.21
N ASN B 457 -28.68 -6.99 -2.40
CA ASN B 457 -27.92 -7.20 -1.17
C ASN B 457 -26.43 -7.34 -1.49
N LEU B 458 -25.60 -6.62 -0.74
CA LEU B 458 -24.17 -6.62 -0.99
C LEU B 458 -23.56 -7.99 -0.70
N LYS B 459 -22.61 -8.38 -1.54
CA LYS B 459 -21.89 -9.63 -1.34
C LYS B 459 -21.04 -9.52 -0.07
N PRO B 460 -20.68 -10.67 0.52
CA PRO B 460 -19.82 -10.63 1.72
C PRO B 460 -18.52 -9.90 1.44
N PHE B 461 -18.10 -9.08 2.42
CA PHE B 461 -16.89 -8.27 2.34
C PHE B 461 -16.93 -7.32 1.15
N GLU B 462 -17.97 -6.50 1.12
CA GLU B 462 -18.17 -5.50 0.07
C GLU B 462 -18.55 -4.17 0.68
N ARG B 463 -18.06 -3.09 0.07
CA ARG B 463 -18.41 -1.72 0.43
C ARG B 463 -19.15 -1.07 -0.71
N ASP B 464 -20.28 -0.44 -0.41
CA ASP B 464 -21.10 0.24 -1.40
C ASP B 464 -21.18 1.72 -1.04
N ILE B 465 -20.85 2.58 -2.01
CA ILE B 465 -20.82 4.01 -1.79
C ILE B 465 -21.90 4.76 -2.60
N SER B 466 -22.43 4.15 -3.66
CA SER B 466 -23.42 4.82 -4.49
C SER B 466 -24.66 5.17 -3.66
N THR B 467 -25.12 6.42 -3.81
CA THR B 467 -26.21 6.97 -3.00
C THR B 467 -27.20 7.73 -3.89
N GLU B 468 -27.61 7.12 -5.00
CA GLU B 468 -28.60 7.75 -5.86
C GLU B 468 -29.97 7.76 -5.18
N ILE B 469 -30.88 8.54 -5.77
CA ILE B 469 -32.24 8.63 -5.25
C ILE B 469 -32.95 7.32 -5.52
N TYR B 470 -33.17 6.53 -4.48
CA TYR B 470 -33.77 5.21 -4.63
C TYR B 470 -35.24 5.32 -5.01
N GLN B 471 -35.67 4.41 -5.88
CA GLN B 471 -37.07 4.29 -6.27
C GLN B 471 -37.54 2.86 -6.02
N ALA B 472 -38.79 2.72 -5.58
CA ALA B 472 -39.35 1.42 -5.24
C ALA B 472 -40.51 1.03 -6.15
N GLY B 473 -41.52 1.89 -6.28
CA GLY B 473 -42.67 1.56 -7.10
C GLY B 473 -42.40 1.70 -8.58
N ASN B 474 -43.38 1.26 -9.37
CA ASN B 474 -43.27 1.35 -10.82
C ASN B 474 -43.30 2.80 -11.31
N LYS B 475 -43.81 3.73 -10.51
CA LYS B 475 -43.81 5.13 -10.89
C LYS B 475 -42.38 5.65 -10.95
N PRO B 476 -41.95 6.26 -12.05
CA PRO B 476 -40.57 6.76 -12.13
C PRO B 476 -40.30 7.81 -11.07
N CYS B 477 -39.09 7.77 -10.52
CA CYS B 477 -38.64 8.71 -9.51
C CYS B 477 -37.34 9.35 -9.96
N ASN B 478 -37.28 10.68 -9.86
CA ASN B 478 -36.08 11.42 -10.24
C ASN B 478 -36.16 12.82 -9.66
N GLY B 479 -35.01 13.33 -9.22
CA GLY B 479 -34.92 14.68 -8.72
C GLY B 479 -35.24 14.82 -7.24
N VAL B 480 -36.46 15.25 -6.94
CA VAL B 480 -36.85 15.55 -5.56
C VAL B 480 -37.15 14.25 -4.83
N ALA B 481 -37.12 14.32 -3.50
CA ALA B 481 -37.44 13.18 -2.66
C ALA B 481 -38.94 13.15 -2.37
N GLY B 482 -39.36 12.18 -1.55
CA GLY B 482 -40.75 12.03 -1.21
C GLY B 482 -41.20 10.58 -1.21
N PHE B 483 -42.47 10.35 -1.56
CA PHE B 483 -42.97 8.99 -1.66
C PHE B 483 -42.22 8.23 -2.74
N ASN B 484 -41.78 7.02 -2.42
CA ASN B 484 -40.97 6.17 -3.28
C ASN B 484 -39.61 6.79 -3.62
N CYS B 485 -39.22 7.86 -2.93
CA CYS B 485 -37.93 8.53 -3.15
C CYS B 485 -37.37 8.89 -1.78
N TYR B 486 -36.57 7.98 -1.22
CA TYR B 486 -35.98 8.17 0.10
C TYR B 486 -34.48 7.93 0.02
N PHE B 487 -33.72 8.73 0.76
CA PHE B 487 -32.28 8.58 0.77
C PHE B 487 -31.90 7.24 1.43
N PRO B 488 -30.92 6.53 0.89
CA PRO B 488 -30.63 5.17 1.40
C PRO B 488 -29.78 5.16 2.66
N LEU B 489 -29.66 6.30 3.32
CA LEU B 489 -28.84 6.37 4.55
C LEU B 489 -29.61 6.91 5.74
N LYS B 490 -29.20 6.50 6.94
CA LYS B 490 -29.84 6.98 8.16
C LYS B 490 -28.77 7.36 9.17
N SER B 491 -29.09 8.26 10.10
CA SER B 491 -28.08 8.73 11.07
C SER B 491 -28.43 8.35 12.50
N TYR B 492 -27.45 7.82 13.23
CA TYR B 492 -27.66 7.42 14.63
C TYR B 492 -28.05 8.56 15.57
N SER B 493 -28.62 8.22 16.72
CA SER B 493 -29.01 9.22 17.73
C SER B 493 -28.47 8.71 19.06
N PHE B 494 -27.32 9.23 19.48
CA PHE B 494 -26.69 8.84 20.74
C PHE B 494 -26.47 10.07 21.60
N ARG B 495 -27.00 10.03 22.81
CA ARG B 495 -26.84 11.11 23.77
C ARG B 495 -26.54 10.52 25.14
N PRO B 496 -25.85 11.27 26.02
CA PRO B 496 -25.49 10.73 27.33
C PRO B 496 -26.68 10.33 28.18
N THR B 497 -27.84 10.96 28.00
CA THR B 497 -29.02 10.58 28.77
C THR B 497 -29.52 9.18 28.40
N TYR B 498 -29.12 8.66 27.24
CA TYR B 498 -29.51 7.31 26.86
C TYR B 498 -28.81 6.28 27.74
N GLY B 499 -29.55 5.25 28.12
CA GLY B 499 -29.00 4.19 28.94
C GLY B 499 -28.82 2.89 28.20
N VAL B 500 -29.51 1.84 28.64
CA VAL B 500 -29.39 0.51 28.07
C VAL B 500 -30.19 0.44 26.77
N GLY B 501 -29.59 -0.16 25.75
CA GLY B 501 -30.20 -0.27 24.45
C GLY B 501 -29.75 0.78 23.46
N HIS B 502 -29.07 1.83 23.92
CA HIS B 502 -28.54 2.89 23.07
C HIS B 502 -27.07 3.14 23.36
N GLN B 503 -26.35 2.12 23.81
CA GLN B 503 -24.93 2.27 24.12
C GLN B 503 -24.12 2.36 22.84
N PRO B 504 -23.34 3.42 22.64
CA PRO B 504 -22.37 3.42 21.53
C PRO B 504 -21.20 2.49 21.82
N TYR B 505 -21.18 1.34 21.16
CA TYR B 505 -20.19 0.31 21.39
C TYR B 505 -19.20 0.26 20.24
N ARG B 506 -17.91 0.21 20.58
CA ARG B 506 -16.86 0.04 19.59
C ARG B 506 -16.67 -1.45 19.31
N VAL B 507 -16.55 -1.80 18.02
CA VAL B 507 -16.44 -3.17 17.57
C VAL B 507 -15.27 -3.29 16.60
N VAL B 508 -14.48 -4.35 16.77
CA VAL B 508 -13.44 -4.72 15.82
C VAL B 508 -13.65 -6.19 15.44
N VAL B 509 -13.45 -6.49 14.17
CA VAL B 509 -13.62 -7.83 13.62
C VAL B 509 -12.31 -8.23 12.97
N LEU B 510 -11.81 -9.42 13.34
CA LEU B 510 -10.53 -9.91 12.85
C LEU B 510 -10.76 -11.14 11.99
N SER B 511 -10.15 -11.15 10.81
CA SER B 511 -10.23 -12.27 9.88
C SER B 511 -8.83 -12.74 9.52
N PHE B 512 -8.65 -14.06 9.48
CA PHE B 512 -7.38 -14.69 9.16
C PHE B 512 -7.58 -15.84 8.18
N GLU B 513 -8.45 -15.62 7.19
CA GLU B 513 -8.76 -16.66 6.22
C GLU B 513 -7.50 -17.16 5.54
N LEU B 514 -7.33 -18.47 5.51
CA LEU B 514 -6.09 -19.07 5.02
C LEU B 514 -5.90 -18.78 3.53
N LEU B 515 -4.65 -18.54 3.15
CA LEU B 515 -4.31 -18.18 1.79
C LEU B 515 -3.07 -18.96 1.35
N HIS B 516 -2.88 -19.03 0.03
CA HIS B 516 -1.73 -19.75 -0.52
C HIS B 516 -0.42 -19.08 -0.14
N ALA B 517 -0.46 -17.79 0.20
CA ALA B 517 0.76 -17.10 0.60
C ALA B 517 1.30 -17.70 1.89
N PRO B 518 2.62 -17.76 2.06
CA PRO B 518 3.17 -18.38 3.27
C PRO B 518 2.85 -17.56 4.51
N ALA B 519 2.63 -18.27 5.61
CA ALA B 519 2.28 -17.62 6.87
C ALA B 519 3.43 -16.73 7.33
N THR B 520 3.10 -15.48 7.67
CA THR B 520 4.12 -14.51 8.04
C THR B 520 3.85 -13.91 9.42
N VAL B 521 2.59 -13.64 9.72
CA VAL B 521 2.22 -12.91 10.93
C VAL B 521 1.81 -13.88 12.02
N CYS B 522 2.52 -13.82 13.16
CA CYS B 522 2.20 -14.58 14.36
C CYS B 522 3.15 -14.14 15.47
N GLY B 523 2.69 -14.33 16.71
CA GLY B 523 3.39 -13.84 17.87
C GLY B 523 4.43 -14.81 18.38
N PRO B 524 5.21 -14.36 19.35
CA PRO B 524 6.26 -15.21 19.92
C PRO B 524 5.68 -16.42 20.64
N LYS B 525 6.47 -17.49 20.66
CA LYS B 525 6.10 -18.72 21.36
C LYS B 525 7.02 -18.89 22.55
N LYS B 526 6.44 -19.08 23.73
CA LYS B 526 7.21 -19.20 24.96
C LYS B 526 7.75 -20.61 25.14
N GLN C 23 -5.86 14.61 11.69
CA GLN C 23 -7.06 14.66 10.86
C GLN C 23 -7.16 16.00 10.15
N VAL C 24 -8.22 16.16 9.35
CA VAL C 24 -8.43 17.37 8.56
C VAL C 24 -9.64 18.10 9.12
N GLN C 25 -9.42 19.35 9.56
CA GLN C 25 -10.48 20.15 10.16
C GLN C 25 -11.28 20.85 9.06
N LEU C 26 -12.59 20.86 9.22
CA LEU C 26 -13.48 21.57 8.31
C LEU C 26 -13.96 22.85 8.97
N VAL C 27 -13.87 23.97 8.25
CA VAL C 27 -14.28 25.27 8.75
C VAL C 27 -15.24 25.88 7.75
N GLU C 28 -16.13 26.73 8.27
CA GLU C 28 -17.18 27.34 7.46
C GLU C 28 -16.97 28.84 7.37
N SER C 29 -17.14 29.39 6.17
CA SER C 29 -16.96 30.81 5.92
C SER C 29 -18.13 31.34 5.10
N GLY C 30 -18.55 32.56 5.40
CA GLY C 30 -19.66 33.19 4.73
C GLY C 30 -20.95 33.23 5.51
N GLY C 31 -20.96 32.72 6.75
CA GLY C 31 -22.16 32.81 7.57
C GLY C 31 -22.37 34.24 8.04
N GLY C 32 -23.62 34.72 7.92
CA GLY C 32 -23.94 36.07 8.34
C GLY C 32 -25.42 36.33 8.26
N LEU C 33 -25.80 37.50 8.77
CA LEU C 33 -27.21 37.91 8.72
C LEU C 33 -27.60 38.25 7.29
N VAL C 34 -28.61 37.56 6.78
CA VAL C 34 -29.05 37.73 5.40
C VAL C 34 -30.56 37.92 5.39
N GLN C 35 -31.00 38.99 4.73
CA GLN C 35 -32.41 39.31 4.49
C GLN C 35 -32.98 38.30 3.51
N PRO C 36 -34.27 37.93 3.64
CA PRO C 36 -34.88 37.05 2.64
C PRO C 36 -34.96 37.74 1.28
N GLY C 37 -34.49 37.05 0.25
CA GLY C 37 -34.56 37.55 -1.11
C GLY C 37 -33.23 37.61 -1.84
N GLU C 38 -32.08 37.66 -1.16
CA GLU C 38 -30.80 37.71 -1.83
C GLU C 38 -30.04 36.39 -1.63
N SER C 39 -28.80 36.35 -2.11
CA SER C 39 -28.00 35.14 -2.18
C SER C 39 -27.05 35.06 -0.98
N LEU C 40 -26.71 33.83 -0.60
CA LEU C 40 -25.74 33.55 0.44
C LEU C 40 -24.70 32.58 -0.11
N ARG C 41 -23.42 32.90 0.10
CA ARG C 41 -22.32 32.05 -0.31
C ARG C 41 -21.69 31.42 0.93
N LEU C 42 -21.85 30.11 1.08
CA LEU C 42 -21.29 29.37 2.20
C LEU C 42 -20.45 28.23 1.67
N SER C 43 -19.23 28.10 2.19
CA SER C 43 -18.30 27.08 1.74
C SER C 43 -17.60 26.48 2.95
N CYS C 44 -17.12 25.25 2.80
CA CYS C 44 -16.40 24.54 3.84
C CYS C 44 -14.97 24.29 3.38
N ALA C 45 -14.02 24.97 4.01
CA ALA C 45 -12.60 24.75 3.74
C ALA C 45 -12.08 23.61 4.60
N ALA C 46 -11.13 22.86 4.04
CA ALA C 46 -10.53 21.72 4.70
C ALA C 46 -9.04 21.99 4.92
N SER C 47 -8.57 21.73 6.14
CA SER C 47 -7.19 22.01 6.51
C SER C 47 -6.56 20.74 7.08
N GLY C 48 -5.38 20.41 6.57
CA GLY C 48 -4.67 19.23 7.03
C GLY C 48 -4.10 18.40 5.90
N SER C 49 -4.04 17.08 6.08
CA SER C 49 -3.55 16.17 5.06
C SER C 49 -4.75 15.71 4.23
N ILE C 50 -5.00 16.38 3.11
CA ILE C 50 -6.12 16.09 2.25
C ILE C 50 -5.61 15.35 1.02
N PHE C 51 -6.10 14.12 0.82
CA PHE C 51 -5.78 13.34 -0.36
C PHE C 51 -6.69 13.65 -1.54
N GLY C 52 -7.60 14.59 -1.39
CA GLY C 52 -8.56 14.94 -2.43
C GLY C 52 -9.95 15.06 -1.85
N ILE C 53 -10.85 15.65 -2.63
CA ILE C 53 -12.23 15.81 -2.21
C ILE C 53 -12.99 14.54 -2.56
N TYR C 54 -14.03 14.25 -1.79
CA TYR C 54 -14.80 13.02 -1.89
C TYR C 54 -16.26 13.36 -1.57
N ALA C 55 -17.04 12.34 -1.23
CA ALA C 55 -18.46 12.54 -0.92
C ALA C 55 -18.65 13.60 0.14
N VAL C 56 -19.25 14.73 -0.26
CA VAL C 56 -19.56 15.84 0.63
C VAL C 56 -21.05 16.14 0.51
N HIS C 57 -21.72 16.26 1.66
CA HIS C 57 -23.15 16.51 1.71
C HIS C 57 -23.43 17.67 2.65
N TRP C 58 -24.30 18.59 2.20
CA TRP C 58 -24.67 19.76 2.97
C TRP C 58 -26.06 19.55 3.56
N PHE C 59 -26.23 20.02 4.79
CA PHE C 59 -27.39 19.70 5.61
C PHE C 59 -27.89 20.94 6.32
N ARG C 60 -29.12 20.85 6.84
CA ARG C 60 -29.72 21.92 7.62
C ARG C 60 -30.53 21.30 8.74
N MET C 61 -30.70 22.03 9.83
CA MET C 61 -31.66 21.67 10.88
C MET C 61 -32.13 22.95 11.57
N ALA C 62 -33.43 23.13 11.60
CA ALA C 62 -34.11 24.22 12.28
C ALA C 62 -34.23 23.92 13.77
N PRO C 63 -34.46 24.93 14.61
CA PRO C 63 -34.61 24.65 16.05
C PRO C 63 -35.92 23.92 16.35
N GLY C 64 -35.93 22.61 16.10
CA GLY C 64 -37.11 21.82 16.36
C GLY C 64 -37.35 20.69 15.38
N LYS C 65 -36.59 20.62 14.29
CA LYS C 65 -36.72 19.54 13.33
C LYS C 65 -35.50 18.62 13.41
N GLU C 66 -35.69 17.39 12.93
CA GLU C 66 -34.70 16.34 13.05
C GLU C 66 -33.78 16.31 11.82
N ARG C 67 -32.90 15.31 11.78
CA ARG C 67 -31.91 15.22 10.72
C ARG C 67 -32.58 14.98 9.37
N GLU C 68 -32.15 15.74 8.36
CA GLU C 68 -32.60 15.56 7.00
C GLU C 68 -31.44 15.82 6.05
N PHE C 69 -31.50 15.20 4.88
CA PHE C 69 -30.51 15.43 3.84
C PHE C 69 -30.96 16.61 2.98
N THR C 70 -30.10 17.61 2.84
CA THR C 70 -30.45 18.84 2.14
C THR C 70 -29.93 18.85 0.71
N ALA C 71 -28.62 18.71 0.51
CA ALA C 71 -28.06 18.76 -0.83
C ALA C 71 -26.74 18.01 -0.85
N GLY C 72 -26.27 17.72 -2.05
CA GLY C 72 -24.98 17.06 -2.21
C GLY C 72 -24.86 16.28 -3.50
N PHE C 73 -24.21 15.12 -3.44
CA PHE C 73 -24.05 14.26 -4.59
C PHE C 73 -24.86 12.98 -4.41
N GLY C 74 -24.80 12.10 -5.41
CA GLY C 74 -25.52 10.84 -5.37
C GLY C 74 -24.80 9.72 -6.09
N GLY C 77 -20.54 11.77 -10.26
CA GLY C 77 -20.81 12.76 -11.28
C GLY C 77 -22.26 13.21 -11.32
N SER C 78 -23.03 12.77 -10.32
CA SER C 78 -24.44 13.11 -10.21
C SER C 78 -24.67 13.96 -8.96
N THR C 79 -25.32 15.10 -9.14
CA THR C 79 -25.54 16.06 -8.07
C THR C 79 -27.04 16.18 -7.78
N ASN C 80 -27.39 16.11 -6.50
CA ASN C 80 -28.78 16.19 -6.06
C ASN C 80 -28.94 17.36 -5.08
N TYR C 81 -30.15 17.89 -5.05
CA TYR C 81 -30.48 19.01 -4.16
C TYR C 81 -31.83 18.70 -3.50
N ALA C 82 -32.39 19.70 -2.83
CA ALA C 82 -33.68 19.57 -2.19
C ALA C 82 -34.79 19.95 -3.16
N ALA C 83 -36.03 19.93 -2.66
CA ALA C 83 -37.18 20.20 -3.51
C ALA C 83 -37.39 21.70 -3.71
N SER C 84 -37.74 22.06 -4.94
CA SER C 84 -38.07 23.43 -5.34
C SER C 84 -36.92 24.41 -5.15
N VAL C 85 -35.71 23.92 -4.91
CA VAL C 85 -34.57 24.78 -4.66
C VAL C 85 -33.42 24.34 -5.57
N LYS C 86 -33.75 23.56 -6.60
CA LYS C 86 -32.74 23.02 -7.49
C LYS C 86 -31.96 24.14 -8.19
N GLY C 87 -32.67 25.18 -8.65
CA GLY C 87 -32.02 26.29 -9.32
C GLY C 87 -31.43 27.32 -8.39
N ARG C 88 -31.61 27.19 -7.09
CA ARG C 88 -31.08 28.15 -6.13
C ARG C 88 -29.82 27.68 -5.42
N PHE C 89 -29.64 26.38 -5.26
CA PHE C 89 -28.41 25.83 -4.69
C PHE C 89 -27.44 25.57 -5.84
N THR C 90 -26.41 26.41 -5.95
CA THR C 90 -25.42 26.28 -7.02
C THR C 90 -24.04 26.13 -6.39
N MET C 91 -23.36 25.03 -6.71
CA MET C 91 -22.03 24.79 -6.18
C MET C 91 -20.98 24.99 -7.26
N SER C 92 -19.74 25.16 -6.80
CA SER C 92 -18.59 25.33 -7.68
C SER C 92 -17.47 24.48 -7.12
N ARG C 93 -17.08 23.44 -7.85
CA ARG C 93 -16.10 22.49 -7.37
C ARG C 93 -14.69 22.95 -7.73
N ASP C 94 -13.83 23.04 -6.72
CA ASP C 94 -12.44 23.45 -6.90
C ASP C 94 -11.54 22.42 -6.23
N ASN C 95 -10.71 21.74 -7.02
CA ASN C 95 -9.83 20.71 -6.51
C ASN C 95 -8.40 21.20 -6.27
N ALA C 96 -8.00 22.30 -6.91
CA ALA C 96 -6.65 22.83 -6.70
C ALA C 96 -6.44 23.26 -5.26
N LYS C 97 -7.44 23.91 -4.67
CA LYS C 97 -7.40 24.32 -3.27
C LYS C 97 -8.20 23.39 -2.37
N ASN C 98 -8.52 22.18 -2.84
CA ASN C 98 -9.23 21.13 -2.11
C ASN C 98 -10.42 21.67 -1.31
N THR C 99 -11.19 22.59 -1.87
CA THR C 99 -12.40 23.08 -1.24
C THR C 99 -13.32 23.65 -2.31
N THR C 100 -14.63 23.50 -2.10
CA THR C 100 -15.62 23.98 -3.06
C THR C 100 -16.32 25.21 -2.52
N TYR C 101 -17.32 25.69 -3.26
CA TYR C 101 -18.18 26.77 -2.81
C TYR C 101 -19.64 26.37 -3.04
N LEU C 102 -20.52 26.90 -2.20
CA LEU C 102 -21.95 26.71 -2.35
C LEU C 102 -22.65 28.05 -2.22
N GLN C 103 -23.61 28.30 -3.10
CA GLN C 103 -24.32 29.56 -3.19
C GLN C 103 -25.82 29.29 -3.10
N MET C 104 -26.50 30.04 -2.24
CA MET C 104 -27.93 29.87 -1.98
C MET C 104 -28.65 31.13 -2.47
N ASN C 105 -29.00 31.12 -3.76
CA ASN C 105 -29.64 32.28 -4.37
C ASN C 105 -31.09 32.39 -3.92
N SER C 106 -31.53 33.62 -3.67
CA SER C 106 -32.92 33.93 -3.33
C SER C 106 -33.40 33.11 -2.14
N LEU C 107 -32.78 33.37 -0.99
CA LEU C 107 -33.13 32.65 0.22
C LEU C 107 -34.53 33.02 0.69
N LYS C 108 -35.09 32.15 1.53
CA LYS C 108 -36.46 32.29 2.04
C LYS C 108 -36.44 32.26 3.57
N PRO C 109 -37.43 32.89 4.21
CA PRO C 109 -37.47 32.88 5.69
C PRO C 109 -37.63 31.50 6.29
N ALA C 110 -38.10 30.52 5.51
CA ALA C 110 -38.25 29.15 5.98
C ALA C 110 -36.95 28.36 5.93
N ASP C 111 -35.85 28.98 5.47
CA ASP C 111 -34.56 28.32 5.38
C ASP C 111 -33.65 28.66 6.55
N THR C 112 -34.22 29.12 7.67
CA THR C 112 -33.43 29.45 8.85
C THR C 112 -32.99 28.16 9.53
N ALA C 113 -31.78 27.71 9.19
CA ALA C 113 -31.25 26.48 9.74
C ALA C 113 -29.73 26.50 9.65
N VAL C 114 -29.10 25.63 10.43
CA VAL C 114 -27.65 25.56 10.50
C VAL C 114 -27.16 24.53 9.48
N TYR C 115 -26.34 24.98 8.54
CA TYR C 115 -25.87 24.07 7.49
C TYR C 115 -24.62 23.33 7.96
N TYR C 116 -24.65 22.00 7.86
CA TYR C 116 -23.53 21.16 8.21
C TYR C 116 -23.00 20.47 6.96
N CYS C 117 -21.68 20.53 6.76
CA CYS C 117 -21.04 19.86 5.64
C CYS C 117 -20.33 18.62 6.17
N HIS C 118 -20.72 17.47 5.65
CA HIS C 118 -20.14 16.19 6.05
C HIS C 118 -19.35 15.64 4.86
N ALA C 119 -18.07 15.36 5.08
CA ALA C 119 -17.16 14.94 4.02
C ALA C 119 -16.47 13.64 4.41
N LEU C 120 -16.50 12.67 3.50
CA LEU C 120 -15.75 11.42 3.65
C LEU C 120 -14.44 11.46 2.87
N ILE C 121 -13.52 12.33 3.28
CA ILE C 121 -12.33 12.57 2.46
C ILE C 121 -11.21 11.62 2.85
N LYS C 122 -10.37 11.29 1.87
CA LYS C 122 -9.27 10.37 2.12
C LYS C 122 -8.14 11.07 2.87
N ASN C 123 -7.59 10.38 3.87
CA ASN C 123 -6.53 10.88 4.71
C ASN C 123 -5.42 9.83 4.83
N GLU C 124 -4.53 9.99 5.81
CA GLU C 124 -3.64 8.90 6.16
C GLU C 124 -4.43 7.62 6.41
N LEU C 125 -5.55 7.73 7.09
CA LEU C 125 -6.50 6.63 7.17
C LEU C 125 -7.25 6.51 5.85
N GLY C 126 -7.90 5.35 5.65
CA GLY C 126 -8.54 5.09 4.36
C GLY C 126 -9.54 6.17 3.98
N PHE C 127 -10.40 6.56 4.92
CA PHE C 127 -11.29 7.70 4.75
C PHE C 127 -11.59 8.29 6.11
N LEU C 128 -12.07 9.54 6.10
CA LEU C 128 -12.49 10.24 7.29
C LEU C 128 -13.88 10.80 7.05
N ASP C 129 -14.81 10.53 7.97
CA ASP C 129 -16.14 11.10 7.96
C ASP C 129 -16.24 12.13 9.06
N TYR C 130 -16.35 13.40 8.67
CA TYR C 130 -16.38 14.49 9.64
C TYR C 130 -17.52 15.42 9.29
N TRP C 131 -18.09 16.04 10.33
CA TRP C 131 -19.20 16.98 10.20
C TRP C 131 -18.68 18.38 10.45
N GLY C 132 -18.95 19.29 9.52
CA GLY C 132 -18.58 20.68 9.68
C GLY C 132 -19.33 21.32 10.82
N PRO C 133 -18.64 22.16 11.61
CA PRO C 133 -19.31 22.86 12.71
C PRO C 133 -20.48 23.70 12.26
N GLY C 134 -20.42 24.26 11.06
CA GLY C 134 -21.53 24.97 10.48
C GLY C 134 -21.66 26.40 10.98
N THR C 135 -22.42 27.19 10.24
CA THR C 135 -22.72 28.57 10.59
C THR C 135 -24.22 28.77 10.62
N GLN C 136 -24.70 29.38 11.69
CA GLN C 136 -26.13 29.70 11.79
C GLN C 136 -26.48 30.84 10.85
N VAL C 137 -27.60 30.70 10.16
CA VAL C 137 -28.13 31.75 9.30
C VAL C 137 -29.55 32.05 9.77
N THR C 138 -29.83 33.32 10.04
CA THR C 138 -31.15 33.75 10.48
C THR C 138 -31.81 34.54 9.36
N VAL C 139 -32.81 33.94 8.73
CA VAL C 139 -33.49 34.54 7.59
C VAL C 139 -34.95 34.74 7.98
N SER C 140 -35.40 35.99 7.98
CA SER C 140 -36.77 36.32 8.36
C SER C 140 -37.16 37.70 7.83
C1 NAG D . 17.14 6.00 0.04
C2 NAG D . 16.68 7.44 0.18
C3 NAG D . 16.07 7.68 1.56
C4 NAG D . 14.99 6.65 1.87
C5 NAG D . 15.50 5.22 1.60
C6 NAG D . 14.42 4.17 1.71
C7 NAG D . 17.75 9.33 -0.97
C8 NAG D . 16.48 9.45 -1.77
N2 NAG D . 17.78 8.36 -0.05
O3 NAG D . 15.52 8.99 1.63
O4 NAG D . 14.65 6.75 3.24
O5 NAG D . 16.03 5.13 0.27
O6 NAG D . 14.90 2.90 1.34
O7 NAG D . 18.69 10.09 -1.13
C1 NAG D . 13.25 7.03 3.43
C2 NAG D . 13.00 7.10 4.93
C3 NAG D . 11.53 7.40 5.22
C4 NAG D . 11.09 8.65 4.48
C5 NAG D . 11.43 8.55 3.00
C6 NAG D . 11.16 9.82 2.24
C7 NAG D . 14.66 5.66 6.04
C8 NAG D . 14.91 4.33 6.69
N2 NAG D . 13.41 5.87 5.59
O3 NAG D . 11.36 7.55 6.62
O4 NAG D . 9.68 8.84 4.61
O5 NAG D . 12.84 8.26 2.82
O6 NAG D . 11.94 9.90 1.05
O7 NAG D . 15.53 6.51 5.93
C1 BMA D . 9.42 9.79 5.68
C2 BMA D . 8.20 10.68 5.27
C3 BMA D . 6.84 10.00 5.50
C4 BMA D . 6.74 9.26 6.86
C5 BMA D . 7.97 8.38 7.16
C6 BMA D . 8.00 7.04 6.42
O2 BMA D . 8.26 11.01 3.89
O3 BMA D . 6.47 9.14 4.42
O4 BMA D . 6.53 10.18 7.91
O5 BMA D . 9.22 9.12 6.95
O6 BMA D . 6.73 6.41 6.58
C1 MAN D . 5.08 9.36 4.07
C2 MAN D . 5.04 9.88 2.60
C3 MAN D . 3.90 10.89 2.44
C4 MAN D . 2.67 10.46 3.24
C5 MAN D . 3.00 10.47 4.74
C6 MAN D . 2.26 9.41 5.54
O2 MAN D . 4.74 8.83 1.69
O3 MAN D . 3.55 11.08 1.07
O4 MAN D . 1.59 11.33 2.98
O5 MAN D . 4.43 10.26 4.95
O6 MAN D . 0.94 9.30 4.99
C1 MAN D . 6.82 5.43 7.63
C2 MAN D . 6.23 4.10 7.09
C3 MAN D . 6.15 3.04 8.19
C4 MAN D . 5.56 3.59 9.53
C5 MAN D . 6.13 4.98 9.90
C6 MAN D . 7.55 4.93 10.46
O2 MAN D . 7.07 3.54 6.08
O3 MAN D . 7.41 2.42 8.42
O4 MAN D . 4.15 3.66 9.43
O5 MAN D . 6.12 5.88 8.77
O6 MAN D . 7.90 6.25 10.87
C1 NAG E . 41.17 -19.37 10.17
C2 NAG E . 42.40 -19.66 9.31
C3 NAG E . 43.63 -19.06 9.95
C4 NAG E . 43.42 -17.59 10.25
C5 NAG E . 42.14 -17.38 11.06
C6 NAG E . 41.80 -15.92 11.27
C7 NAG E . 42.55 -21.66 7.89
C8 NAG E . 42.36 -20.74 6.73
N2 NAG E . 42.56 -21.08 9.10
O3 NAG E . 44.74 -19.23 9.09
O4 NAG E . 44.53 -17.07 10.99
O5 NAG E . 41.04 -17.97 10.36
O6 NAG E . 41.36 -15.32 10.06
O7 NAG E . 42.69 -22.87 7.74
C1 NAG E . 45.24 -16.18 10.11
C2 NAG E . 45.41 -14.83 10.83
C3 NAG E . 46.39 -14.95 11.99
C4 NAG E . 47.74 -15.49 11.51
C5 NAG E . 47.61 -16.77 10.70
C6 NAG E . 47.35 -18.00 11.54
C7 NAG E . 45.03 -12.83 9.46
C8 NAG E . 43.62 -12.86 9.98
N2 NAG E . 45.84 -13.80 9.89
O3 NAG E . 45.84 -15.79 12.99
O4 NAG E . 48.38 -14.51 10.70
O5 NAG E . 46.57 -16.69 9.71
O6 NAG E . 46.83 -19.07 10.75
O7 NAG E . 45.41 -11.97 8.67
C1 BMA E . 48.98 -13.50 11.53
C2 BMA E . 50.51 -13.68 11.47
C3 BMA E . 51.21 -12.51 12.16
C4 BMA E . 50.67 -11.15 11.68
C5 BMA E . 49.14 -11.12 11.86
C6 BMA E . 48.53 -9.82 11.37
O2 BMA E . 50.95 -13.67 10.12
O3 BMA E . 52.62 -12.55 11.96
O4 BMA E . 51.25 -10.09 12.42
O5 BMA E . 48.58 -12.20 11.10
O6 BMA E . 47.14 -9.84 11.69
C1 NAG F . 8.71 7.07 -27.00
C2 NAG F . 7.39 7.78 -26.71
C3 NAG F . 6.25 6.77 -26.64
C4 NAG F . 6.22 5.92 -27.91
C5 NAG F . 7.58 5.29 -28.16
C6 NAG F . 7.66 4.53 -29.47
C7 NAG F . 7.94 9.79 -25.43
C8 NAG F . 7.95 10.45 -24.08
N2 NAG F . 7.48 8.55 -25.48
O3 NAG F . 5.02 7.47 -26.49
O4 NAG F . 5.24 4.89 -27.77
O5 NAG F . 8.59 6.31 -28.21
O6 NAG F . 8.29 5.31 -30.47
O7 NAG F . 8.34 10.39 -26.43
C1 NAG G . 31.40 -19.09 -27.03
C2 NAG G . 32.68 -18.47 -27.62
C3 NAG G . 33.09 -19.21 -28.89
C4 NAG G . 33.17 -20.72 -28.64
C5 NAG G . 31.87 -21.22 -28.02
C6 NAG G . 31.91 -22.68 -27.65
C7 NAG G . 33.50 -16.21 -28.11
C8 NAG G . 33.13 -14.79 -28.42
N2 NAG G . 32.49 -17.05 -27.91
O3 NAG G . 34.36 -18.74 -29.33
O4 NAG G . 33.38 -21.40 -29.87
O5 NAG G . 31.61 -20.49 -26.81
O6 NAG G . 31.07 -23.45 -28.50
O7 NAG G . 34.68 -16.57 -28.05
C1 NAG H . -5.01 -3.52 -9.23
C2 NAG H . -5.00 -3.33 -10.74
C3 NAG H . -6.41 -3.07 -11.26
C4 NAG H . -7.35 -4.18 -10.80
C5 NAG H . -7.26 -4.35 -9.29
C6 NAG H . -8.07 -5.52 -8.77
C7 NAG H . -2.96 -2.44 -11.79
C8 NAG H . -2.65 -3.86 -12.15
N2 NAG H . -4.11 -2.25 -11.12
O3 NAG H . -6.39 -3.00 -12.67
O4 NAG H . -8.69 -3.85 -11.16
O5 NAG H . -5.90 -4.59 -8.89
O6 NAG H . -7.32 -6.74 -8.84
O7 NAG H . -2.23 -1.51 -12.11
C1 NAG I . 3.48 -18.23 -13.79
C2 NAG I . 2.25 -17.90 -12.93
C3 NAG I . 1.39 -19.15 -12.74
C4 NAG I . 1.05 -19.77 -14.09
C5 NAG I . 2.32 -20.02 -14.89
C6 NAG I . 2.04 -20.53 -16.30
C7 NAG I . 2.73 -16.04 -11.41
C8 NAG I . 3.15 -15.65 -10.03
N2 NAG I . 2.64 -17.35 -11.65
O3 NAG I . 0.21 -18.80 -12.04
O4 NAG I . 0.37 -21.01 -13.89
O5 NAG I . 3.05 -18.80 -15.04
O6 NAG I . 1.13 -21.62 -16.28
O7 NAG I . 2.48 -15.20 -12.28
C1 NAG J . -3.81 1.51 24.15
C2 NAG J . -2.94 0.27 24.16
C3 NAG J . -2.85 -0.30 25.58
C4 NAG J . -2.39 0.78 26.55
C5 NAG J . -3.28 2.02 26.44
C6 NAG J . -2.78 3.17 27.28
C7 NAG J . -2.67 -1.69 22.70
C8 NAG J . -3.36 -2.64 21.77
N2 NAG J . -3.44 -0.74 23.24
O3 NAG J . -1.96 -1.39 25.61
O4 NAG J . -2.46 0.29 27.89
O5 NAG J . -3.29 2.48 25.08
O6 NAG J . -1.37 3.17 27.37
O7 NAG J . -1.48 -1.78 22.96
#